data_4CEW
#
_entry.id   4CEW
#
_cell.length_a   600.331
_cell.length_b   600.331
_cell.length_c   600.331
_cell.angle_alpha   90.00
_cell.angle_beta   90.00
_cell.angle_gamma   90.00
#
_symmetry.space_group_name_H-M   'I 2 3'
#
loop_
_entity.id
_entity.type
_entity.pdbx_description
1 polymer VP1
2 polymer VP2
3 polymer VP3
4 polymer VP4
5 non-polymer 4-[3-[(3s)-5-[4-[(e)-ethoxyiminomethyl]phenoxy]-3-methyl-pentyl]-2-oxidanylidene-imidazolidin-1-yl]pyridine-2-carboxamide
6 water water
#
loop_
_entity_poly.entity_id
_entity_poly.type
_entity_poly.pdbx_seq_one_letter_code
_entity_poly.pdbx_strand_id
1 'polypeptide(L)'
;GDRVADVIESSIGDSVSRALTHALPAPTGQNTQVSSHRLDTGKVPALQAAEIGASSNASDESMIETRCVLNSHSTAETTL
DSFFSRAGLVGEIDLPLEGTTNPNGYANWDIDITGYAQMRRKVELFTYMRFDAEFTFVACTPTGEVVPQLLQYMFVPPGA
PKPDSRESLAWQTATNPSVFVKLSDPPAQVSVPFMSPASAYQWFYDGYPTFGEHKQEKDLEYGACPNNMMGTFSVRTVGT
SKSKYPLVVRIYMRMKHVRAWIPRPMRNQNYLFKANPNYAGNSIKPTGASRTAITTL
;
A
2 'polypeptide(L)'
;SPSAEACGYSDRVAQLTIGNSTITTQEAANIIVGYGEWPSYCSDSDATAVDKPTRPDVSVNRFYTLDTKLWEKSSKGWYW
KFPDVLTETGVFGQNAQFHYLYRSGFCIHVQCNASKFHQGALLVAVLPEYVIGTVAGGTGTEDTHPPYKQTQPGADGFEL
QHPYVLDAGIPISQLTVCPHQWINLRTNNCATIIVPYINALPFDSALNHCNFGLLVVPISPLDYDQGATPVIPITITLAP
MCSEFAGLRQAVTQ
;
B
3 'polypeptide(L)'
;GFPTELKPGTNQFLTTDDGVSAPILPNFHPTPCIHIPGEVRNLLELCQVETILEVNNVPTNATSLMERLRFPVSAQAGKG
ELCAVFRADPGRNGPWQSTLLGQLCGYYTQWSGSLEVTFMFTGSFMATGKMLIAYTPPGGPLPKDRATAMLGTHVIWDFG
LQSSVTLVIPWISNTHYRAHARDGVFDYYTTGLVSIWYQTNYVVPIGAPNTAYIIALAAAQKNFTMKLCKDASDILQTGT
IQ
;
C
4 'polypeptide(L)' MGSQVSTQRSGSHENSNSATEGSTINYTTINYYKDSYAATAGKQSLKQDPDKFANPVKDIFTEMAAPLK D
#
loop_
_chem_comp.id
_chem_comp.type
_chem_comp.name
_chem_comp.formula
7J5 non-polymer 4-[3-[(3s)-5-[4-[(e)-ethoxyiminomethyl]phenoxy]-3-methyl-pentyl]-2-oxidanylidene-imidazolidin-1-yl]pyridine-2-carboxamide 'C24 H31 N5 O4'
#
# COMPACT_ATOMS: atom_id res chain seq x y z
N GLY A 1 20.45 24.65 -34.54
CA GLY A 1 19.54 25.70 -34.01
C GLY A 1 18.07 25.39 -34.23
N ASP A 2 17.20 26.12 -33.54
CA ASP A 2 15.75 25.94 -33.64
C ASP A 2 15.11 27.18 -34.26
N ARG A 3 14.19 26.98 -35.21
CA ARG A 3 13.54 28.10 -35.88
C ARG A 3 12.00 28.01 -36.00
N VAL A 4 11.45 26.82 -36.27
CA VAL A 4 9.99 26.70 -36.36
C VAL A 4 9.42 26.86 -34.95
N ALA A 5 8.33 27.60 -34.83
CA ALA A 5 7.72 27.88 -33.55
C ALA A 5 7.32 26.72 -32.63
N ASP A 6 6.65 25.70 -33.16
CA ASP A 6 6.21 24.59 -32.30
C ASP A 6 7.37 23.95 -31.52
N VAL A 7 8.55 23.99 -32.12
CA VAL A 7 9.76 23.43 -31.50
C VAL A 7 10.30 24.32 -30.38
N ILE A 8 10.32 25.62 -30.65
CA ILE A 8 10.77 26.61 -29.67
C ILE A 8 9.86 26.61 -28.43
N GLU A 9 8.56 26.50 -28.65
CA GLU A 9 7.58 26.53 -27.57
C GLU A 9 7.18 25.18 -26.96
N SER A 10 7.84 24.09 -27.35
CA SER A 10 7.45 22.79 -26.81
C SER A 10 8.01 22.56 -25.42
N SER A 11 7.36 21.66 -24.69
CA SER A 11 7.77 21.34 -23.34
C SER A 11 8.54 20.01 -23.37
N ILE A 12 8.82 19.51 -24.57
CA ILE A 12 9.54 18.26 -24.71
C ILE A 12 10.87 18.38 -24.02
N GLY A 13 11.15 17.45 -23.11
CA GLY A 13 12.43 17.48 -22.40
C GLY A 13 12.39 18.03 -20.97
N ASP A 14 11.25 18.52 -20.51
CA ASP A 14 11.13 19.05 -19.15
C ASP A 14 11.39 17.90 -18.16
N SER A 15 12.47 18.01 -17.39
CA SER A 15 12.86 16.98 -16.43
C SER A 15 12.41 17.29 -15.01
N VAL A 16 11.85 18.48 -14.82
CA VAL A 16 11.37 18.91 -13.52
C VAL A 16 9.95 18.38 -13.29
N SER A 17 9.84 17.38 -12.43
CA SER A 17 8.54 16.81 -12.12
C SER A 17 7.78 17.75 -11.21
N ARG A 18 6.73 18.36 -11.73
CA ARG A 18 5.92 19.28 -10.93
C ARG A 18 5.22 18.50 -9.82
N ALA A 19 5.27 19.02 -8.60
CA ALA A 19 4.64 18.38 -7.45
C ALA A 19 3.49 19.23 -6.92
N LEU A 20 2.33 18.61 -6.73
CA LEU A 20 1.16 19.33 -6.23
C LEU A 20 1.15 19.48 -4.71
N THR A 21 1.94 18.66 -4.03
CA THR A 21 2.00 18.69 -2.56
C THR A 21 3.42 18.83 -2.01
N HIS A 22 3.53 19.23 -0.74
CA HIS A 22 4.83 19.37 -0.11
C HIS A 22 4.73 19.04 1.38
N ALA A 23 5.83 18.56 1.96
CA ALA A 23 5.85 18.19 3.36
C ALA A 23 5.99 19.36 4.32
N LEU A 24 5.29 19.26 5.45
CA LEU A 24 5.33 20.28 6.48
C LEU A 24 5.76 19.60 7.77
N PRO A 25 6.42 20.34 8.66
CA PRO A 25 6.83 19.67 9.90
C PRO A 25 5.58 19.41 10.74
N ALA A 26 5.54 18.22 11.36
CA ALA A 26 4.42 17.81 12.19
C ALA A 26 4.95 16.92 13.29
N PRO A 27 5.60 17.52 14.31
CA PRO A 27 6.17 16.80 15.45
C PRO A 27 5.16 16.40 16.51
N THR A 28 3.95 16.97 16.44
CA THR A 28 2.88 16.66 17.37
C THR A 28 1.53 16.61 16.67
N GLY A 29 0.57 15.98 17.35
CA GLY A 29 -0.77 15.89 16.80
C GLY A 29 -1.31 17.31 16.72
N GLN A 30 -2.11 17.57 15.71
CA GLN A 30 -2.68 18.89 15.53
C GLN A 30 -3.52 19.28 16.74
N ASN A 31 -3.62 20.58 17.00
CA ASN A 31 -4.40 21.05 18.12
C ASN A 31 -5.84 21.26 17.71
N THR A 32 -6.68 21.51 18.70
CA THR A 32 -8.09 21.75 18.44
C THR A 32 -8.37 23.19 18.81
N GLN A 33 -9.06 23.90 17.93
CA GLN A 33 -9.39 25.30 18.17
C GLN A 33 -10.81 25.41 18.71
N VAL A 34 -11.11 26.54 19.35
CA VAL A 34 -12.45 26.76 19.87
C VAL A 34 -13.37 26.96 18.67
N SER A 35 -14.63 26.54 18.81
CA SER A 35 -15.60 26.73 17.74
C SER A 35 -16.97 26.98 18.36
N SER A 36 -17.85 27.64 17.62
CA SER A 36 -19.19 27.92 18.13
C SER A 36 -20.22 27.52 17.09
N HIS A 37 -21.48 27.71 17.43
CA HIS A 37 -22.55 27.37 16.52
C HIS A 37 -22.47 28.19 15.24
N ARG A 38 -22.76 27.53 14.12
CA ARG A 38 -22.76 28.17 12.81
C ARG A 38 -24.06 27.76 12.14
N LEU A 39 -24.85 28.75 11.72
CA LEU A 39 -26.13 28.47 11.07
C LEU A 39 -26.15 29.16 9.72
N ASP A 40 -25.33 28.68 8.80
CA ASP A 40 -25.23 29.28 7.47
C ASP A 40 -25.72 28.48 6.27
N THR A 41 -25.95 29.21 5.18
CA THR A 41 -26.36 28.66 3.91
C THR A 41 -25.10 28.81 3.06
N GLY A 42 -24.90 27.93 2.08
CA GLY A 42 -23.70 28.01 1.24
C GLY A 42 -22.53 27.24 1.82
N LYS A 43 -22.30 27.41 3.12
CA LYS A 43 -21.21 26.72 3.81
C LYS A 43 -21.71 25.34 4.21
N VAL A 44 -21.00 24.28 3.81
CA VAL A 44 -21.41 22.93 4.16
C VAL A 44 -20.24 21.91 4.20
N PRO A 45 -19.39 22.00 5.25
CA PRO A 45 -18.22 21.14 5.48
C PRO A 45 -18.52 19.65 5.58
N ALA A 46 -19.68 19.33 6.14
CA ALA A 46 -20.11 17.95 6.31
C ALA A 46 -20.38 17.18 5.01
N LEU A 47 -20.80 17.88 3.97
CA LEU A 47 -21.07 17.22 2.69
C LEU A 47 -19.82 17.08 1.85
N GLN A 48 -19.60 15.87 1.36
CA GLN A 48 -18.44 15.55 0.55
C GLN A 48 -18.85 14.87 -0.75
N ALA A 49 -17.86 14.53 -1.55
CA ALA A 49 -18.06 13.85 -2.82
C ALA A 49 -16.91 12.87 -2.92
N ALA A 50 -17.05 11.73 -2.26
CA ALA A 50 -16.01 10.72 -2.25
C ALA A 50 -15.60 10.25 -3.64
N GLU A 51 -16.47 10.46 -4.63
CA GLU A 51 -16.15 10.03 -5.98
C GLU A 51 -14.83 10.64 -6.47
N ILE A 52 -14.59 11.89 -6.10
CA ILE A 52 -13.38 12.62 -6.48
C ILE A 52 -12.09 11.84 -6.21
N GLY A 53 -12.10 11.02 -5.17
CA GLY A 53 -10.92 10.22 -4.86
C GLY A 53 -10.12 10.76 -3.70
N ALA A 54 -10.59 11.85 -3.11
CA ALA A 54 -9.89 12.45 -1.99
C ALA A 54 -10.63 12.13 -0.70
N SER A 55 -9.92 12.21 0.42
CA SER A 55 -10.52 11.93 1.72
C SER A 55 -11.22 13.18 2.23
N SER A 56 -12.16 13.00 3.15
CA SER A 56 -12.90 14.12 3.71
C SER A 56 -11.99 15.19 4.33
N ASN A 57 -12.36 16.44 4.14
CA ASN A 57 -11.61 17.57 4.68
C ASN A 57 -12.29 18.12 5.93
N ALA A 58 -13.44 17.54 6.28
CA ALA A 58 -14.20 17.94 7.46
C ALA A 58 -13.41 17.72 8.76
N SER A 59 -13.49 18.67 9.68
CA SER A 59 -12.78 18.57 10.95
C SER A 59 -13.71 18.71 12.14
N ASP A 60 -13.22 18.33 13.31
CA ASP A 60 -14.00 18.40 14.52
C ASP A 60 -14.60 19.79 14.66
N GLU A 61 -13.75 20.81 14.55
CA GLU A 61 -14.15 22.21 14.68
C GLU A 61 -15.44 22.59 13.96
N SER A 62 -15.66 22.02 12.78
CA SER A 62 -16.82 22.34 11.97
C SER A 62 -18.02 21.42 12.10
N MET A 63 -17.88 20.34 12.87
CA MET A 63 -18.97 19.39 13.04
C MET A 63 -19.63 19.46 14.41
N ILE A 64 -18.90 19.92 15.42
CA ILE A 64 -19.43 20.05 16.78
C ILE A 64 -18.79 21.28 17.42
N GLU A 65 -19.37 21.77 18.51
CA GLU A 65 -18.76 22.91 19.19
C GLU A 65 -17.60 22.37 20.02
N THR A 66 -16.40 22.79 19.67
CA THR A 66 -15.20 22.35 20.35
C THR A 66 -14.58 23.37 21.30
N ARG A 67 -13.67 22.90 22.12
CA ARG A 67 -12.93 23.74 23.06
C ARG A 67 -11.51 23.77 22.51
N CYS A 68 -10.62 24.49 23.17
CA CYS A 68 -9.25 24.54 22.71
C CYS A 68 -8.49 23.43 23.42
N VAL A 69 -7.70 22.67 22.67
CA VAL A 69 -6.90 21.61 23.27
C VAL A 69 -5.50 21.73 22.69
N LEU A 70 -4.51 21.94 23.54
CA LEU A 70 -3.13 22.01 23.10
C LEU A 70 -2.61 20.59 23.14
N ASN A 71 -2.50 20.01 21.95
CA ASN A 71 -2.05 18.63 21.76
C ASN A 71 -0.54 18.53 21.60
N SER A 72 0.12 17.94 22.60
CA SER A 72 1.56 17.77 22.56
C SER A 72 1.96 16.31 22.39
N HIS A 73 1.06 15.51 21.85
CA HIS A 73 1.34 14.09 21.61
C HIS A 73 2.28 13.96 20.42
N SER A 74 3.43 13.30 20.64
CA SER A 74 4.43 13.14 19.60
C SER A 74 4.04 12.24 18.44
N THR A 75 4.69 12.47 17.30
CA THR A 75 4.46 11.69 16.10
C THR A 75 5.73 10.89 15.77
N ALA A 76 6.70 10.99 16.67
CA ALA A 76 7.99 10.33 16.50
C ALA A 76 7.99 8.82 16.31
N GLU A 77 7.18 8.11 17.08
CA GLU A 77 7.18 6.66 16.99
C GLU A 77 6.56 6.05 15.75
N THR A 78 6.09 6.88 14.83
CA THR A 78 5.50 6.33 13.60
C THR A 78 6.33 6.67 12.35
N THR A 79 7.60 6.99 12.55
CA THR A 79 8.50 7.25 11.43
C THR A 79 8.87 5.88 10.88
N LEU A 80 9.36 5.84 9.65
CA LEU A 80 9.74 4.56 9.07
C LEU A 80 10.80 3.83 9.91
N ASP A 81 11.84 4.55 10.36
CA ASP A 81 12.88 3.91 11.17
C ASP A 81 12.31 3.38 12.49
N SER A 82 11.38 4.12 13.11
CA SER A 82 10.79 3.68 14.36
C SER A 82 10.04 2.36 14.19
N PHE A 83 9.34 2.26 13.07
CA PHE A 83 8.52 1.09 12.75
C PHE A 83 9.32 -0.15 12.33
N PHE A 84 10.36 0.05 11.53
CA PHE A 84 11.18 -1.06 11.01
C PHE A 84 12.48 -1.39 11.73
N SER A 85 13.10 -0.39 12.35
CA SER A 85 14.38 -0.62 12.99
C SER A 85 14.29 -1.39 14.29
N ARG A 86 13.71 -2.59 14.18
CA ARG A 86 13.52 -3.50 15.31
C ARG A 86 13.85 -4.88 14.73
N ALA A 87 14.87 -5.50 15.29
CA ALA A 87 15.33 -6.81 14.83
C ALA A 87 14.28 -7.90 14.93
N GLY A 88 14.08 -8.60 13.82
CA GLY A 88 13.12 -9.69 13.77
C GLY A 88 13.74 -10.89 13.07
N LEU A 89 13.15 -12.06 13.28
CA LEU A 89 13.65 -13.30 12.67
C LEU A 89 13.35 -13.34 11.18
N VAL A 90 14.37 -13.66 10.38
CA VAL A 90 14.17 -13.76 8.93
C VAL A 90 14.81 -15.02 8.33
N GLY A 91 15.47 -15.81 9.16
CA GLY A 91 16.10 -17.02 8.65
C GLY A 91 16.58 -17.99 9.70
N GLU A 92 16.45 -19.29 9.41
CA GLU A 92 16.91 -20.36 10.30
C GLU A 92 17.75 -21.31 9.46
N ILE A 93 18.86 -21.78 10.02
CA ILE A 93 19.73 -22.71 9.32
C ILE A 93 20.10 -23.85 10.25
N ASP A 94 19.80 -25.09 9.84
CA ASP A 94 20.11 -26.25 10.66
C ASP A 94 21.32 -26.99 10.18
N LEU A 95 22.15 -27.38 11.13
CA LEU A 95 23.36 -28.14 10.86
C LEU A 95 23.34 -29.34 11.78
N PRO A 96 22.50 -30.33 11.45
CA PRO A 96 22.36 -31.56 12.25
C PRO A 96 23.51 -32.53 12.01
N LEU A 97 23.65 -33.49 12.90
CA LEU A 97 24.72 -34.48 12.78
C LEU A 97 24.22 -35.58 11.85
N GLU A 98 23.08 -36.16 12.21
CA GLU A 98 22.46 -37.20 11.40
C GLU A 98 21.16 -36.62 10.89
N GLY A 99 21.10 -36.35 9.59
CA GLY A 99 19.89 -35.79 9.05
C GLY A 99 19.77 -36.03 7.55
N THR A 100 18.77 -35.39 6.98
CA THR A 100 18.51 -35.51 5.55
C THR A 100 18.77 -34.19 4.85
N THR A 101 18.98 -33.14 5.63
CA THR A 101 19.21 -31.82 5.06
C THR A 101 20.69 -31.46 4.90
N ASN A 102 21.31 -30.90 5.94
CA ASN A 102 22.72 -30.51 5.87
C ASN A 102 23.59 -31.32 6.84
N PRO A 103 23.75 -32.62 6.59
CA PRO A 103 24.55 -33.50 7.45
C PRO A 103 26.05 -33.48 7.14
N ASN A 104 26.46 -32.58 6.25
CA ASN A 104 27.86 -32.51 5.89
C ASN A 104 28.62 -31.39 6.58
N GLY A 105 27.98 -30.76 7.57
CA GLY A 105 28.65 -29.71 8.32
C GLY A 105 28.72 -28.32 7.70
N TYR A 106 27.86 -28.04 6.73
CA TYR A 106 27.84 -26.73 6.09
C TYR A 106 26.47 -26.50 5.50
N ALA A 107 26.15 -25.25 5.18
CA ALA A 107 24.85 -24.96 4.60
C ALA A 107 24.87 -23.65 3.80
N ASN A 108 24.05 -23.60 2.76
CA ASN A 108 23.95 -22.41 1.93
C ASN A 108 22.52 -21.92 1.99
N TRP A 109 22.35 -20.66 2.40
CA TRP A 109 21.04 -20.06 2.52
C TRP A 109 20.90 -18.90 1.53
N ASP A 110 19.90 -18.96 0.64
CA ASP A 110 19.70 -17.87 -0.30
C ASP A 110 19.09 -16.72 0.49
N ILE A 111 19.77 -15.58 0.46
CA ILE A 111 19.31 -14.42 1.19
C ILE A 111 17.94 -13.99 0.67
N ASP A 112 16.93 -14.27 1.49
CA ASP A 112 15.54 -14.01 1.17
C ASP A 112 14.77 -13.93 2.49
N ILE A 113 14.34 -12.73 2.87
CA ILE A 113 13.63 -12.57 4.14
C ILE A 113 12.13 -12.83 4.11
N THR A 114 11.60 -13.37 3.02
CA THR A 114 10.16 -13.60 2.93
C THR A 114 9.67 -14.94 3.48
N GLY A 115 10.50 -15.60 4.28
CA GLY A 115 10.08 -16.89 4.84
C GLY A 115 9.34 -16.80 6.16
N TYR A 116 9.26 -15.59 6.72
CA TYR A 116 8.57 -15.38 8.00
C TYR A 116 7.51 -14.28 7.94
N ALA A 117 6.30 -14.64 8.34
CA ALA A 117 5.15 -13.73 8.28
C ALA A 117 5.23 -12.38 8.98
N GLN A 118 5.70 -12.34 10.23
CA GLN A 118 5.73 -11.05 10.92
C GLN A 118 6.53 -10.00 10.18
N MET A 119 7.77 -10.32 9.83
CA MET A 119 8.63 -9.37 9.13
C MET A 119 8.12 -9.10 7.71
N ARG A 120 7.72 -10.16 7.02
CA ARG A 120 7.25 -10.03 5.66
C ARG A 120 6.07 -9.07 5.51
N ARG A 121 5.04 -9.27 6.33
CA ARG A 121 3.85 -8.44 6.25
C ARG A 121 4.15 -6.96 6.45
N LYS A 122 5.15 -6.65 7.27
CA LYS A 122 5.50 -5.27 7.54
C LYS A 122 6.15 -4.60 6.32
N VAL A 123 7.13 -5.26 5.72
CA VAL A 123 7.79 -4.67 4.56
C VAL A 123 6.90 -4.62 3.32
N GLU A 124 5.94 -5.55 3.20
CA GLU A 124 5.08 -5.57 2.02
C GLU A 124 3.99 -4.49 2.03
N LEU A 125 4.07 -3.59 2.99
CA LEU A 125 3.11 -2.49 3.08
C LEU A 125 3.54 -1.47 2.02
N PHE A 126 4.80 -1.56 1.61
CA PHE A 126 5.36 -0.66 0.62
C PHE A 126 5.85 -1.47 -0.56
N THR A 127 5.91 -0.84 -1.72
CA THR A 127 6.34 -1.49 -2.94
C THR A 127 7.86 -1.41 -3.09
N TYR A 128 8.41 -0.23 -2.83
CA TYR A 128 9.84 -0.02 -2.95
C TYR A 128 10.44 0.39 -1.62
N MET A 129 11.59 -0.17 -1.30
CA MET A 129 12.27 0.19 -0.07
C MET A 129 13.77 0.22 -0.32
N ARG A 130 14.43 1.15 0.35
CA ARG A 130 15.86 1.31 0.26
C ARG A 130 16.32 1.44 1.69
N PHE A 131 17.33 0.66 2.08
CA PHE A 131 17.79 0.72 3.45
C PHE A 131 19.09 -0.04 3.71
N ASP A 132 19.71 0.27 4.84
CA ASP A 132 20.91 -0.42 5.25
C ASP A 132 20.35 -1.38 6.29
N ALA A 133 21.15 -2.32 6.77
CA ALA A 133 20.65 -3.26 7.74
C ALA A 133 21.70 -3.79 8.67
N GLU A 134 21.26 -4.13 9.87
CA GLU A 134 22.14 -4.72 10.87
C GLU A 134 21.70 -6.17 11.03
N PHE A 135 22.63 -7.10 10.80
CA PHE A 135 22.33 -8.51 10.92
C PHE A 135 22.99 -9.14 12.12
N THR A 136 22.17 -9.85 12.90
CA THR A 136 22.64 -10.52 14.12
C THR A 136 22.45 -12.04 13.96
N PHE A 137 23.48 -12.80 14.31
CA PHE A 137 23.44 -14.26 14.17
C PHE A 137 23.50 -15.00 15.51
N VAL A 138 22.40 -15.65 15.87
CA VAL A 138 22.32 -16.39 17.13
C VAL A 138 22.45 -17.90 16.92
N ALA A 139 23.49 -18.50 17.50
CA ALA A 139 23.74 -19.92 17.36
C ALA A 139 23.70 -20.69 18.67
N CYS A 140 23.29 -21.95 18.60
CA CYS A 140 23.19 -22.82 19.76
C CYS A 140 22.69 -24.18 19.28
N THR A 141 22.64 -25.16 20.18
CA THR A 141 22.15 -26.49 19.83
C THR A 141 20.63 -26.41 19.76
N PRO A 142 19.97 -27.49 19.34
CA PRO A 142 18.50 -27.42 19.28
C PRO A 142 17.80 -27.31 20.63
N THR A 143 18.54 -27.47 21.73
CA THR A 143 17.95 -27.35 23.06
C THR A 143 18.22 -25.96 23.62
N GLY A 144 19.07 -25.22 22.92
CA GLY A 144 19.42 -23.88 23.33
C GLY A 144 20.72 -23.90 24.14
N GLU A 145 21.41 -25.03 24.08
CA GLU A 145 22.64 -25.17 24.83
C GLU A 145 23.78 -24.49 24.08
N VAL A 146 24.74 -23.99 24.84
CA VAL A 146 25.90 -23.31 24.28
C VAL A 146 27.06 -24.29 24.35
N VAL A 147 27.63 -24.62 23.20
CA VAL A 147 28.76 -25.55 23.14
C VAL A 147 30.00 -24.85 22.56
N PRO A 148 31.20 -25.31 22.96
CA PRO A 148 32.45 -24.74 22.47
C PRO A 148 32.77 -25.13 21.03
N GLN A 149 32.05 -24.50 20.10
CA GLN A 149 32.22 -24.80 18.68
C GLN A 149 32.52 -23.51 17.93
N LEU A 150 33.39 -23.63 16.93
CA LEU A 150 33.79 -22.50 16.11
C LEU A 150 33.07 -22.58 14.76
N LEU A 151 32.46 -21.48 14.33
CA LEU A 151 31.76 -21.46 13.05
C LEU A 151 32.35 -20.43 12.09
N GLN A 152 31.98 -20.54 10.82
CA GLN A 152 32.43 -19.60 9.81
C GLN A 152 31.25 -19.24 8.95
N TYR A 153 30.89 -17.95 8.95
CA TYR A 153 29.81 -17.45 8.12
C TYR A 153 30.51 -16.72 6.98
N MET A 154 30.05 -16.91 5.76
CA MET A 154 30.64 -16.22 4.64
C MET A 154 29.56 -15.72 3.69
N PHE A 155 29.68 -14.47 3.27
CA PHE A 155 28.73 -13.88 2.34
C PHE A 155 29.22 -14.14 0.92
N VAL A 156 28.46 -14.91 0.16
CA VAL A 156 28.84 -15.23 -1.21
C VAL A 156 27.93 -14.48 -2.20
N PRO A 157 28.41 -13.35 -2.73
CA PRO A 157 27.62 -12.56 -3.68
C PRO A 157 27.42 -13.32 -4.98
N PRO A 158 26.42 -12.95 -5.77
CA PRO A 158 26.13 -13.60 -7.04
C PRO A 158 27.38 -13.70 -7.90
N GLY A 159 27.71 -14.90 -8.37
CA GLY A 159 28.89 -15.06 -9.21
C GLY A 159 30.12 -15.59 -8.48
N ALA A 160 30.09 -15.53 -7.16
CA ALA A 160 31.20 -16.04 -6.38
C ALA A 160 30.93 -17.53 -6.18
N PRO A 161 31.99 -18.35 -6.09
CA PRO A 161 31.78 -19.79 -5.90
C PRO A 161 31.15 -20.19 -4.56
N LYS A 162 30.04 -20.92 -4.65
CA LYS A 162 29.34 -21.40 -3.46
C LYS A 162 30.05 -22.63 -2.92
N PRO A 163 30.33 -22.65 -1.61
CA PRO A 163 31.01 -23.82 -1.05
C PRO A 163 30.14 -25.07 -1.25
N ASP A 164 30.77 -26.18 -1.62
CA ASP A 164 30.05 -27.44 -1.87
C ASP A 164 30.38 -28.50 -0.81
N SER A 165 31.14 -28.11 0.20
CA SER A 165 31.51 -29.02 1.26
C SER A 165 32.11 -28.21 2.39
N ARG A 166 32.37 -28.88 3.51
CA ARG A 166 32.93 -28.25 4.68
C ARG A 166 34.41 -27.91 4.45
N GLU A 167 35.03 -28.56 3.47
CA GLU A 167 36.44 -28.32 3.19
C GLU A 167 36.65 -27.65 1.85
N SER A 168 35.58 -27.12 1.27
CA SER A 168 35.64 -26.42 -0.01
C SER A 168 36.71 -25.33 -0.04
N LEU A 169 37.34 -25.17 -1.21
CA LEU A 169 38.37 -24.16 -1.37
C LEU A 169 37.85 -22.74 -1.20
N ALA A 170 36.56 -22.54 -1.48
CA ALA A 170 35.96 -21.21 -1.37
C ALA A 170 36.05 -20.62 0.03
N TRP A 171 36.26 -21.46 1.03
CA TRP A 171 36.37 -21.00 2.42
C TRP A 171 37.66 -20.21 2.67
N GLN A 172 38.51 -20.13 1.65
CA GLN A 172 39.77 -19.39 1.77
C GLN A 172 39.38 -17.92 1.95
N THR A 173 38.15 -17.60 1.53
CA THR A 173 37.56 -16.28 1.67
C THR A 173 38.51 -15.08 1.52
N ALA A 174 39.37 -15.14 0.50
CA ALA A 174 40.34 -14.08 0.26
C ALA A 174 39.72 -12.75 -0.15
N THR A 175 38.50 -12.79 -0.67
CA THR A 175 37.85 -11.55 -1.07
C THR A 175 36.47 -11.37 -0.43
N ASN A 176 35.69 -12.46 -0.35
CA ASN A 176 34.35 -12.36 0.26
C ASN A 176 34.52 -12.08 1.74
N PRO A 177 33.52 -11.42 2.35
CA PRO A 177 33.65 -11.16 3.78
C PRO A 177 33.19 -12.37 4.60
N SER A 178 34.00 -12.79 5.56
CA SER A 178 33.67 -13.92 6.43
C SER A 178 33.78 -13.52 7.90
N VAL A 179 32.98 -14.18 8.73
CA VAL A 179 33.01 -13.94 10.17
C VAL A 179 33.31 -15.27 10.86
N PHE A 180 34.34 -15.30 11.70
CA PHE A 180 34.68 -16.50 12.46
C PHE A 180 34.26 -16.17 13.88
N VAL A 181 33.44 -17.03 14.48
CA VAL A 181 32.97 -16.75 15.82
C VAL A 181 32.66 -18.06 16.56
N LYS A 182 32.58 -18.00 17.89
CA LYS A 182 32.28 -19.16 18.71
C LYS A 182 30.83 -19.10 19.20
N LEU A 183 30.21 -20.24 19.42
CA LEU A 183 28.83 -20.25 19.93
C LEU A 183 28.88 -19.70 21.36
N SER A 184 30.06 -19.73 21.95
CA SER A 184 30.24 -19.25 23.30
C SER A 184 30.31 -17.71 23.32
N ASP A 185 30.76 -17.11 22.23
CA ASP A 185 30.84 -15.65 22.13
C ASP A 185 29.43 -15.09 21.99
N PRO A 186 29.27 -13.78 22.16
CA PRO A 186 27.93 -13.21 22.02
C PRO A 186 27.56 -13.37 20.56
N PRO A 187 26.29 -13.11 20.20
CA PRO A 187 25.85 -13.24 18.81
C PRO A 187 26.71 -12.36 17.89
N ALA A 188 27.08 -12.86 16.72
CA ALA A 188 27.87 -12.05 15.80
C ALA A 188 26.94 -10.96 15.26
N GLN A 189 27.50 -9.81 14.89
CA GLN A 189 26.67 -8.72 14.39
C GLN A 189 27.47 -7.83 13.43
N VAL A 190 26.88 -7.55 12.27
CA VAL A 190 27.53 -6.71 11.25
C VAL A 190 26.55 -5.78 10.57
N SER A 191 27.08 -4.78 9.87
CA SER A 191 26.26 -3.82 9.14
C SER A 191 26.35 -4.11 7.65
N VAL A 192 25.20 -4.09 6.98
CA VAL A 192 25.12 -4.37 5.55
C VAL A 192 24.59 -3.13 4.83
N PRO A 193 25.23 -2.76 3.71
CA PRO A 193 24.83 -1.59 2.94
C PRO A 193 23.70 -1.91 1.96
N PHE A 194 23.23 -0.91 1.22
CA PHE A 194 22.17 -1.14 0.25
C PHE A 194 22.88 -1.64 -1.01
N MET A 195 22.77 -2.95 -1.25
CA MET A 195 23.48 -3.57 -2.36
C MET A 195 22.81 -3.80 -3.70
N SER A 196 21.57 -3.35 -3.89
CA SER A 196 20.91 -3.57 -5.17
C SER A 196 21.40 -2.73 -6.35
N PRO A 197 21.30 -3.27 -7.57
CA PRO A 197 21.70 -2.57 -8.79
C PRO A 197 20.66 -1.48 -9.07
N ALA A 198 19.51 -1.60 -8.41
CA ALA A 198 18.43 -0.64 -8.56
C ALA A 198 18.47 0.43 -7.45
N SER A 199 17.68 1.49 -7.58
CA SER A 199 17.68 2.53 -6.58
C SER A 199 17.00 2.02 -5.31
N ALA A 200 16.26 0.92 -5.45
CA ALA A 200 15.57 0.35 -4.29
C ALA A 200 15.23 -1.10 -4.49
N TYR A 201 14.99 -1.80 -3.39
CA TYR A 201 14.58 -3.19 -3.46
C TYR A 201 13.07 -3.08 -3.72
N GLN A 202 12.45 -4.10 -4.28
CA GLN A 202 11.01 -4.01 -4.48
C GLN A 202 10.39 -5.36 -4.10
N TRP A 203 9.39 -5.31 -3.24
CA TRP A 203 8.74 -6.53 -2.77
C TRP A 203 7.78 -7.09 -3.82
N PHE A 204 7.57 -6.34 -4.89
CA PHE A 204 6.67 -6.78 -5.95
C PHE A 204 7.20 -6.37 -7.31
N TYR A 205 7.21 -7.32 -8.24
CA TYR A 205 7.70 -7.05 -9.59
C TYR A 205 6.75 -7.71 -10.57
N ASP A 206 5.86 -6.92 -11.17
CA ASP A 206 4.91 -7.46 -12.13
C ASP A 206 5.54 -7.57 -13.49
N GLY A 207 6.45 -8.53 -13.62
CA GLY A 207 7.12 -8.74 -14.88
C GLY A 207 7.91 -10.03 -14.91
N TYR A 208 8.71 -10.19 -15.96
CA TYR A 208 9.54 -11.37 -16.16
C TYR A 208 10.97 -10.87 -16.23
N PRO A 209 11.95 -11.69 -15.83
CA PRO A 209 13.34 -11.28 -15.87
C PRO A 209 14.02 -11.34 -17.26
N THR A 210 13.48 -12.15 -18.15
CA THR A 210 14.05 -12.29 -19.48
C THR A 210 13.03 -12.13 -20.59
N PHE A 211 13.52 -12.12 -21.82
CA PHE A 211 12.69 -11.99 -23.01
C PHE A 211 12.33 -13.39 -23.54
N GLY A 212 11.50 -13.44 -24.57
CA GLY A 212 11.14 -14.72 -25.15
C GLY A 212 9.73 -15.21 -24.87
N GLU A 213 9.45 -16.45 -25.27
CA GLU A 213 8.14 -17.03 -25.05
C GLU A 213 8.06 -17.44 -23.59
N HIS A 214 7.00 -17.00 -22.92
CA HIS A 214 6.85 -17.34 -21.52
C HIS A 214 5.85 -18.47 -21.41
N LYS A 215 6.29 -19.66 -21.81
CA LYS A 215 5.48 -20.87 -21.79
C LYS A 215 5.31 -21.44 -20.38
N GLN A 216 4.34 -22.34 -20.24
CA GLN A 216 4.03 -22.97 -18.96
C GLN A 216 5.22 -23.34 -18.07
N GLU A 217 6.21 -24.02 -18.64
CA GLU A 217 7.38 -24.44 -17.89
C GLU A 217 8.33 -23.35 -17.38
N LYS A 218 8.08 -22.10 -17.75
CA LYS A 218 8.92 -20.99 -17.30
C LYS A 218 8.13 -20.00 -16.44
N ASP A 219 6.84 -20.26 -16.25
CA ASP A 219 6.02 -19.37 -15.45
C ASP A 219 6.49 -19.26 -14.01
N LEU A 220 7.45 -20.08 -13.63
CA LEU A 220 7.95 -19.99 -12.26
C LEU A 220 8.85 -18.77 -12.16
N GLU A 221 9.16 -18.16 -13.30
CA GLU A 221 10.01 -16.99 -13.26
C GLU A 221 9.24 -15.68 -13.26
N TYR A 222 7.92 -15.76 -13.38
CA TYR A 222 7.10 -14.56 -13.34
C TYR A 222 7.24 -13.96 -11.94
N GLY A 223 7.57 -12.66 -11.87
CA GLY A 223 7.70 -12.02 -10.58
C GLY A 223 9.10 -12.10 -9.98
N ALA A 224 10.02 -12.77 -10.67
CA ALA A 224 11.38 -12.90 -10.18
C ALA A 224 12.22 -11.70 -10.61
N CYS A 225 12.70 -10.91 -9.65
CA CYS A 225 13.53 -9.75 -9.98
C CYS A 225 14.92 -9.88 -9.41
N PRO A 226 15.91 -10.18 -10.26
CA PRO A 226 17.31 -10.34 -9.85
C PRO A 226 17.81 -9.16 -9.03
N ASN A 227 17.23 -7.98 -9.25
CA ASN A 227 17.67 -6.80 -8.49
C ASN A 227 17.49 -7.02 -7.00
N ASN A 228 16.72 -8.03 -6.63
CA ASN A 228 16.46 -8.35 -5.21
C ASN A 228 17.30 -9.54 -4.72
N MET A 229 17.97 -10.21 -5.64
CA MET A 229 18.77 -11.36 -5.26
C MET A 229 20.19 -10.95 -4.93
N MET A 230 20.45 -10.74 -3.64
CA MET A 230 21.74 -10.29 -3.17
C MET A 230 22.81 -11.35 -2.98
N GLY A 231 22.43 -12.62 -3.08
CA GLY A 231 23.41 -13.68 -2.94
C GLY A 231 23.11 -14.79 -1.95
N THR A 232 24.18 -15.44 -1.53
CA THR A 232 24.10 -16.57 -0.62
C THR A 232 24.85 -16.33 0.69
N PHE A 233 24.32 -16.88 1.78
CA PHE A 233 24.95 -16.78 3.09
C PHE A 233 25.34 -18.21 3.44
N SER A 234 26.64 -18.49 3.47
CA SER A 234 27.12 -19.84 3.75
C SER A 234 27.70 -19.95 5.15
N VAL A 235 27.45 -21.10 5.77
CA VAL A 235 27.95 -21.36 7.11
C VAL A 235 28.56 -22.76 7.17
N ARG A 236 29.56 -22.94 8.02
CA ARG A 236 30.21 -24.24 8.16
C ARG A 236 30.88 -24.33 9.53
N THR A 237 31.06 -25.56 10.00
CA THR A 237 31.77 -25.75 11.26
C THR A 237 33.20 -25.72 10.75
N VAL A 238 34.10 -25.13 11.52
CA VAL A 238 35.48 -25.03 11.06
C VAL A 238 36.34 -26.23 11.41
N GLY A 239 36.46 -27.14 10.46
CA GLY A 239 37.26 -28.34 10.67
C GLY A 239 37.15 -29.34 9.54
N THR A 240 38.18 -30.15 9.36
CA THR A 240 38.19 -31.17 8.31
C THR A 240 37.40 -32.39 8.78
N SER A 241 37.14 -32.43 10.07
CA SER A 241 36.40 -33.53 10.66
C SER A 241 35.02 -33.05 11.14
N LYS A 242 34.02 -33.93 11.11
CA LYS A 242 32.66 -33.60 11.50
C LYS A 242 32.57 -33.03 12.91
N SER A 243 31.60 -32.13 13.11
CA SER A 243 31.40 -31.51 14.42
C SER A 243 30.83 -32.54 15.38
N LYS A 244 31.00 -32.30 16.67
CA LYS A 244 30.48 -33.21 17.66
C LYS A 244 29.11 -32.75 18.11
N TYR A 245 28.70 -31.56 17.66
CA TYR A 245 27.40 -31.03 18.09
C TYR A 245 26.44 -30.61 16.99
N PRO A 246 25.14 -30.79 17.23
CA PRO A 246 24.10 -30.42 16.26
C PRO A 246 23.87 -28.92 16.50
N LEU A 247 23.74 -28.14 15.44
CA LEU A 247 23.60 -26.71 15.60
C LEU A 247 22.45 -26.07 14.83
N VAL A 248 22.07 -24.89 15.30
CA VAL A 248 21.00 -24.10 14.69
C VAL A 248 21.47 -22.64 14.63
N VAL A 249 21.25 -21.98 13.51
CA VAL A 249 21.63 -20.58 13.42
C VAL A 249 20.40 -19.74 13.09
N ARG A 250 20.02 -18.84 14.00
CA ARG A 250 18.87 -17.98 13.74
C ARG A 250 19.40 -16.63 13.26
N ILE A 251 18.81 -16.12 12.18
CA ILE A 251 19.23 -14.85 11.59
C ILE A 251 18.22 -13.73 11.84
N TYR A 252 18.68 -12.67 12.51
CA TYR A 252 17.82 -11.53 12.78
C TYR A 252 18.25 -10.32 11.97
N MET A 253 17.27 -9.57 11.47
CA MET A 253 17.55 -8.37 10.68
C MET A 253 16.94 -7.12 11.28
N ARG A 254 17.73 -6.05 11.28
CA ARG A 254 17.26 -4.78 11.80
C ARG A 254 17.57 -3.70 10.76
N MET A 255 16.54 -3.26 10.06
CA MET A 255 16.69 -2.22 9.05
C MET A 255 16.99 -0.88 9.69
N LYS A 256 17.69 -0.02 8.96
CA LYS A 256 18.02 1.30 9.44
C LYS A 256 18.31 2.20 8.25
N HIS A 257 18.01 3.49 8.38
CA HIS A 257 18.24 4.46 7.31
C HIS A 257 17.26 4.08 6.20
N VAL A 258 16.01 3.90 6.60
CA VAL A 258 14.94 3.46 5.70
C VAL A 258 14.17 4.53 4.92
N ARG A 259 13.91 4.21 3.66
CA ARG A 259 13.11 5.06 2.78
C ARG A 259 12.17 4.11 2.07
N ALA A 260 10.90 4.50 1.96
CA ALA A 260 9.89 3.66 1.33
C ALA A 260 8.98 4.44 0.39
N TRP A 261 8.52 3.79 -0.68
CA TRP A 261 7.64 4.42 -1.66
C TRP A 261 6.46 3.53 -2.03
N ILE A 262 5.34 4.17 -2.39
CA ILE A 262 4.13 3.47 -2.84
C ILE A 262 3.47 2.50 -1.86
N PRO A 263 2.69 3.02 -0.90
CA PRO A 263 2.03 2.13 0.06
C PRO A 263 1.01 1.24 -0.65
N ARG A 264 0.73 0.07 -0.09
CA ARG A 264 -0.26 -0.82 -0.70
C ARG A 264 -1.08 -1.59 0.34
N PRO A 265 -2.21 -2.19 -0.07
CA PRO A 265 -3.04 -2.95 0.86
C PRO A 265 -2.18 -3.96 1.62
N MET A 266 -2.55 -4.26 2.85
CA MET A 266 -1.79 -5.22 3.63
C MET A 266 -2.35 -6.63 3.56
N ARG A 267 -1.43 -7.59 3.38
CA ARG A 267 -1.76 -9.00 3.29
C ARG A 267 -2.87 -9.37 4.25
N ASN A 268 -3.91 -10.05 3.76
CA ASN A 268 -5.02 -10.45 4.62
C ASN A 268 -5.31 -11.96 4.54
N GLN A 269 -4.49 -12.67 3.76
CA GLN A 269 -4.63 -14.12 3.61
C GLN A 269 -3.30 -14.71 4.01
N ASN A 270 -3.29 -15.89 4.64
CA ASN A 270 -2.01 -16.49 5.04
C ASN A 270 -1.06 -16.64 3.87
N TYR A 271 0.24 -16.54 4.15
CA TYR A 271 1.29 -16.71 3.15
C TYR A 271 1.51 -18.21 2.95
N LEU A 272 1.97 -18.60 1.77
CA LEU A 272 2.22 -20.00 1.47
C LEU A 272 3.64 -20.24 0.97
N PHE A 273 4.09 -19.34 0.10
CA PHE A 273 5.43 -19.47 -0.48
C PHE A 273 6.21 -18.16 -0.45
N LYS A 274 7.53 -18.28 -0.46
CA LYS A 274 8.40 -17.12 -0.41
C LYS A 274 8.31 -16.24 -1.65
N ALA A 275 8.41 -16.87 -2.80
CA ALA A 275 8.43 -16.15 -4.07
C ALA A 275 7.16 -15.46 -4.55
N ASN A 276 6.00 -15.72 -3.95
CA ASN A 276 4.80 -15.11 -4.49
C ASN A 276 3.67 -14.89 -3.52
N PRO A 277 2.60 -14.21 -3.99
CA PRO A 277 1.45 -13.94 -3.15
C PRO A 277 0.34 -14.99 -3.21
N ASN A 278 0.64 -16.19 -3.70
CA ASN A 278 -0.38 -17.24 -3.78
C ASN A 278 -1.11 -17.44 -2.46
N TYR A 279 -2.41 -17.72 -2.54
CA TYR A 279 -3.20 -17.92 -1.35
C TYR A 279 -4.07 -19.16 -1.54
N ALA A 280 -4.47 -19.79 -0.44
CA ALA A 280 -5.31 -20.98 -0.54
C ALA A 280 -6.72 -20.59 -1.01
N GLY A 281 -7.02 -20.90 -2.27
CA GLY A 281 -8.31 -20.58 -2.84
C GLY A 281 -9.54 -21.11 -2.13
N ASN A 282 -9.40 -22.23 -1.41
CA ASN A 282 -10.54 -22.82 -0.70
C ASN A 282 -10.65 -22.33 0.74
N SER A 283 -9.80 -21.39 1.11
CA SER A 283 -9.84 -20.88 2.46
C SER A 283 -9.81 -19.36 2.50
N ILE A 284 -10.32 -18.73 1.45
CA ILE A 284 -10.33 -17.28 1.44
C ILE A 284 -11.17 -16.84 2.62
N LYS A 285 -10.54 -16.19 3.58
CA LYS A 285 -11.26 -15.73 4.76
C LYS A 285 -11.46 -14.21 4.77
N PRO A 286 -12.47 -13.73 5.52
CA PRO A 286 -12.73 -12.30 5.59
C PRO A 286 -11.47 -11.65 6.19
N THR A 287 -11.30 -10.37 5.96
CA THR A 287 -10.12 -9.69 6.51
C THR A 287 -10.16 -9.72 8.03
N GLY A 288 -11.36 -9.65 8.60
CA GLY A 288 -11.48 -9.66 10.05
C GLY A 288 -12.68 -10.42 10.60
N ALA A 289 -13.04 -10.16 11.85
CA ALA A 289 -14.15 -10.83 12.48
C ALA A 289 -15.50 -10.54 11.82
N SER A 290 -16.50 -11.35 12.15
CA SER A 290 -17.83 -11.21 11.60
C SER A 290 -18.87 -11.25 12.72
N ARG A 291 -20.12 -11.00 12.37
CA ARG A 291 -21.20 -11.05 13.34
C ARG A 291 -22.48 -11.52 12.68
N THR A 292 -23.50 -11.77 13.49
CA THR A 292 -24.77 -12.29 13.00
C THR A 292 -25.62 -11.29 12.22
N ALA A 293 -25.72 -10.06 12.72
CA ALA A 293 -26.53 -9.07 12.05
C ALA A 293 -25.86 -7.71 12.07
N ILE A 294 -26.24 -6.88 11.11
CA ILE A 294 -25.68 -5.54 10.98
C ILE A 294 -26.31 -4.59 12.00
N THR A 295 -27.35 -5.06 12.69
CA THR A 295 -28.05 -4.27 13.69
C THR A 295 -27.79 -4.73 15.13
N THR A 296 -26.83 -5.61 15.29
CA THR A 296 -26.49 -6.14 16.60
C THR A 296 -24.99 -6.17 16.79
N LEU A 297 -24.53 -5.89 18.01
CA LEU A 297 -23.11 -5.91 18.30
C LEU A 297 -22.60 -7.33 18.31
N SER B 10 -18.36 23.38 -13.55
CA SER B 10 -17.06 24.12 -13.50
C SER B 10 -16.02 23.20 -12.86
N ASP B 11 -16.42 21.96 -12.64
CA ASP B 11 -15.59 20.94 -12.02
C ASP B 11 -16.24 19.63 -12.47
N ARG B 12 -17.44 19.80 -13.02
CA ARG B 12 -18.28 18.74 -13.52
C ARG B 12 -18.03 18.58 -15.02
N VAL B 13 -17.66 19.68 -15.67
CA VAL B 13 -17.37 19.68 -17.11
C VAL B 13 -15.87 19.67 -17.36
N ALA B 14 -15.43 18.97 -18.40
CA ALA B 14 -14.00 18.92 -18.70
C ALA B 14 -13.67 18.55 -20.13
N GLN B 15 -12.49 18.99 -20.57
CA GLN B 15 -11.98 18.70 -21.90
C GLN B 15 -10.52 18.30 -21.80
N LEU B 16 -10.19 17.12 -22.30
CA LEU B 16 -8.82 16.66 -22.27
C LEU B 16 -8.32 16.57 -23.69
N THR B 17 -7.42 17.48 -24.05
CA THR B 17 -6.84 17.49 -25.40
C THR B 17 -5.35 17.18 -25.38
N ILE B 18 -4.96 16.19 -26.18
CA ILE B 18 -3.57 15.81 -26.28
C ILE B 18 -3.39 15.11 -27.61
N GLY B 19 -2.39 15.55 -28.38
CA GLY B 19 -2.17 14.97 -29.68
C GLY B 19 -3.28 15.40 -30.61
N ASN B 20 -3.80 14.48 -31.42
CA ASN B 20 -4.89 14.80 -32.34
C ASN B 20 -6.21 14.27 -31.79
N SER B 21 -6.29 14.16 -30.47
CA SER B 21 -7.48 13.64 -29.82
C SER B 21 -7.98 14.52 -28.69
N THR B 22 -9.31 14.61 -28.56
CA THR B 22 -9.94 15.41 -27.53
C THR B 22 -11.06 14.61 -26.89
N ILE B 23 -11.17 14.73 -25.56
CA ILE B 23 -12.22 14.05 -24.82
C ILE B 23 -13.08 15.08 -24.09
N THR B 24 -14.37 14.82 -24.02
CA THR B 24 -15.27 15.73 -23.32
C THR B 24 -16.10 14.93 -22.33
N THR B 25 -16.58 15.61 -21.29
CA THR B 25 -17.42 14.99 -20.28
C THR B 25 -18.17 16.09 -19.57
N GLN B 26 -19.45 15.89 -19.36
CA GLN B 26 -20.26 16.89 -18.70
C GLN B 26 -20.64 16.47 -17.29
N GLU B 27 -20.12 15.33 -16.87
CA GLU B 27 -20.39 14.80 -15.53
C GLU B 27 -19.13 14.19 -14.94
N ALA B 28 -18.14 15.05 -14.69
CA ALA B 28 -16.87 14.62 -14.13
C ALA B 28 -16.82 14.83 -12.63
N ALA B 29 -15.72 14.40 -12.02
CA ALA B 29 -15.54 14.54 -10.59
C ALA B 29 -14.09 14.94 -10.36
N ASN B 30 -13.67 15.98 -11.05
CA ASN B 30 -12.31 16.47 -10.90
C ASN B 30 -11.33 15.46 -11.50
N ILE B 31 -10.05 15.73 -11.31
CA ILE B 31 -8.99 14.88 -11.83
C ILE B 31 -7.99 14.53 -10.73
N ILE B 32 -7.55 13.28 -10.72
CA ILE B 32 -6.59 12.80 -9.75
C ILE B 32 -5.21 12.76 -10.38
N VAL B 33 -4.21 13.23 -9.64
CA VAL B 33 -2.82 13.21 -10.12
C VAL B 33 -2.04 12.31 -9.17
N GLY B 34 -1.84 11.07 -9.61
CA GLY B 34 -1.15 10.09 -8.80
C GLY B 34 0.03 10.55 -7.98
N TYR B 35 -0.06 10.32 -6.67
CA TYR B 35 1.00 10.68 -5.74
C TYR B 35 1.40 12.14 -5.87
N GLY B 36 0.43 12.95 -6.27
CA GLY B 36 0.64 14.36 -6.42
C GLY B 36 1.73 14.86 -7.35
N GLU B 37 2.09 14.09 -8.37
CA GLU B 37 3.09 14.60 -9.29
C GLU B 37 2.88 14.26 -10.76
N TRP B 38 3.01 15.30 -11.59
CA TRP B 38 2.84 15.17 -13.02
C TRP B 38 3.99 14.42 -13.69
N PRO B 39 3.68 13.74 -14.80
CA PRO B 39 4.68 12.99 -15.55
C PRO B 39 5.77 13.96 -15.99
N SER B 40 6.98 13.44 -16.18
CA SER B 40 8.08 14.29 -16.62
C SER B 40 9.11 13.40 -17.33
N TYR B 41 9.98 14.03 -18.11
CA TYR B 41 11.02 13.31 -18.81
C TYR B 41 12.15 13.00 -17.83
N CYS B 42 12.96 12.00 -18.14
CA CYS B 42 14.04 11.64 -17.24
C CYS B 42 15.22 12.63 -17.26
N SER B 43 15.59 13.13 -16.08
CA SER B 43 16.69 14.08 -15.96
C SER B 43 18.03 13.45 -16.30
N ASP B 44 19.02 14.29 -16.61
CA ASP B 44 20.35 13.79 -16.96
C ASP B 44 21.09 13.16 -15.78
N SER B 45 20.60 13.37 -14.55
CA SER B 45 21.25 12.84 -13.37
C SER B 45 20.63 11.53 -12.90
N ASP B 46 19.39 11.27 -13.32
CA ASP B 46 18.71 10.04 -12.97
C ASP B 46 18.99 9.02 -14.08
N ALA B 47 19.18 9.51 -15.30
CA ALA B 47 19.45 8.65 -16.44
C ALA B 47 20.77 7.89 -16.25
N THR B 48 20.94 6.81 -16.99
CA THR B 48 22.17 6.04 -16.90
C THR B 48 22.61 5.61 -18.29
N ALA B 49 21.65 5.20 -19.13
CA ALA B 49 21.95 4.79 -20.51
C ALA B 49 22.43 6.01 -21.26
N VAL B 50 23.46 5.85 -22.10
CA VAL B 50 24.04 6.99 -22.79
C VAL B 50 23.50 7.38 -24.15
N ASP B 51 22.78 6.49 -24.83
CA ASP B 51 22.28 6.88 -26.14
C ASP B 51 21.20 7.95 -26.07
N LYS B 52 21.18 8.81 -27.08
CA LYS B 52 20.20 9.87 -27.14
C LYS B 52 18.83 9.22 -27.31
N PRO B 53 17.87 9.54 -26.44
CA PRO B 53 16.53 8.97 -26.54
C PRO B 53 15.75 9.58 -27.69
N THR B 54 14.63 8.97 -28.03
CA THR B 54 13.76 9.49 -29.07
C THR B 54 12.46 9.85 -28.32
N ARG B 55 11.90 11.01 -28.63
CA ARG B 55 10.68 11.44 -27.98
C ARG B 55 9.68 11.85 -29.07
N PRO B 56 9.03 10.86 -29.68
CA PRO B 56 8.04 10.94 -30.76
C PRO B 56 6.99 12.03 -30.59
N ASP B 57 6.66 12.33 -29.33
CA ASP B 57 5.68 13.36 -29.01
C ASP B 57 4.25 13.02 -29.46
N VAL B 58 3.63 13.92 -30.21
CA VAL B 58 2.24 13.77 -30.66
C VAL B 58 1.79 12.47 -31.31
N SER B 59 2.70 11.75 -31.96
CA SER B 59 2.35 10.50 -32.62
C SER B 59 2.12 9.37 -31.63
N VAL B 60 2.59 9.53 -30.40
CA VAL B 60 2.41 8.47 -29.41
C VAL B 60 1.74 8.97 -28.14
N ASN B 61 1.85 10.26 -27.86
CA ASN B 61 1.20 10.83 -26.68
C ASN B 61 -0.15 11.38 -27.16
N ARG B 62 -1.11 10.47 -27.26
CA ARG B 62 -2.46 10.78 -27.72
C ARG B 62 -3.40 9.79 -27.05
N PHE B 63 -4.70 10.02 -27.16
CA PHE B 63 -5.68 9.12 -26.55
C PHE B 63 -6.00 7.90 -27.41
N TYR B 64 -5.90 6.73 -26.80
CA TYR B 64 -6.20 5.48 -27.49
C TYR B 64 -7.38 4.80 -26.78
N THR B 65 -8.45 4.49 -27.51
CA THR B 65 -9.60 3.81 -26.92
C THR B 65 -9.41 2.35 -27.27
N LEU B 66 -9.05 1.56 -26.27
CA LEU B 66 -8.73 0.15 -26.48
C LEU B 66 -9.75 -0.94 -26.22
N ASP B 67 -10.73 -0.69 -25.38
CA ASP B 67 -11.64 -1.78 -25.06
C ASP B 67 -12.92 -1.33 -24.39
N THR B 68 -13.97 -2.14 -24.54
CA THR B 68 -15.25 -1.87 -23.94
C THR B 68 -15.77 -3.14 -23.30
N LYS B 69 -16.10 -3.04 -22.01
CA LYS B 69 -16.62 -4.18 -21.27
C LYS B 69 -18.07 -3.86 -20.92
N LEU B 70 -18.88 -4.90 -20.73
CA LEU B 70 -20.27 -4.71 -20.37
C LEU B 70 -20.44 -4.93 -18.88
N TRP B 71 -21.00 -3.90 -18.23
CA TRP B 71 -21.24 -3.97 -16.81
C TRP B 71 -22.56 -4.72 -16.61
N GLU B 72 -22.51 -5.84 -15.91
CA GLU B 72 -23.70 -6.62 -15.64
C GLU B 72 -23.97 -6.72 -14.14
N LYS B 73 -25.21 -7.02 -13.78
CA LYS B 73 -25.59 -7.12 -12.37
C LYS B 73 -24.73 -8.07 -11.53
N SER B 74 -24.04 -8.94 -12.24
CA SER B 74 -23.23 -9.97 -11.60
C SER B 74 -21.72 -9.83 -11.85
N SER B 75 -21.33 -8.83 -12.62
CA SER B 75 -19.92 -8.61 -12.93
C SER B 75 -19.04 -8.59 -11.68
N LYS B 76 -17.86 -9.18 -11.78
CA LYS B 76 -16.96 -9.22 -10.63
C LYS B 76 -15.87 -8.15 -10.67
N GLY B 77 -15.49 -7.71 -11.86
CA GLY B 77 -14.47 -6.69 -12.01
C GLY B 77 -13.38 -7.09 -12.98
N TRP B 78 -12.65 -6.12 -13.51
CA TRP B 78 -11.57 -6.40 -14.47
C TRP B 78 -10.31 -5.60 -14.17
N TYR B 79 -9.23 -5.98 -14.84
CA TYR B 79 -7.97 -5.28 -14.69
C TYR B 79 -7.19 -5.29 -15.99
N TRP B 80 -6.33 -4.30 -16.16
CA TRP B 80 -5.48 -4.18 -17.35
C TRP B 80 -4.09 -3.82 -16.86
N LYS B 81 -3.08 -4.22 -17.63
CA LYS B 81 -1.70 -3.94 -17.26
C LYS B 81 -1.09 -2.89 -18.19
N PHE B 82 -0.30 -1.99 -17.61
CA PHE B 82 0.38 -0.95 -18.37
C PHE B 82 1.89 -1.18 -18.30
N PRO B 83 2.59 -0.98 -19.43
CA PRO B 83 2.14 -0.57 -20.76
C PRO B 83 1.64 -1.69 -21.65
N ASP B 84 1.47 -2.89 -21.10
CA ASP B 84 1.01 -4.03 -21.88
C ASP B 84 -0.16 -3.73 -22.82
N VAL B 85 -1.19 -3.04 -22.34
CA VAL B 85 -2.36 -2.74 -23.17
C VAL B 85 -2.08 -2.04 -24.50
N LEU B 86 -0.98 -1.28 -24.56
CA LEU B 86 -0.66 -0.55 -25.78
C LEU B 86 0.48 -1.08 -26.65
N THR B 87 1.21 -2.07 -26.17
CA THR B 87 2.34 -2.60 -26.92
C THR B 87 2.10 -3.00 -28.37
N GLU B 88 0.85 -3.17 -28.77
CA GLU B 88 0.58 -3.55 -30.16
C GLU B 88 -0.34 -2.56 -30.87
N THR B 89 -0.41 -1.33 -30.35
CA THR B 89 -1.28 -0.32 -30.91
C THR B 89 -0.57 0.95 -31.40
N GLY B 90 -0.96 1.39 -32.60
CA GLY B 90 -0.38 2.59 -33.18
C GLY B 90 1.12 2.76 -33.13
N VAL B 91 1.57 4.01 -33.25
CA VAL B 91 2.99 4.32 -33.24
C VAL B 91 3.65 4.01 -31.90
N PHE B 92 2.90 4.15 -30.81
CA PHE B 92 3.45 3.86 -29.50
C PHE B 92 3.94 2.41 -29.49
N GLY B 93 3.08 1.51 -29.94
CA GLY B 93 3.44 0.09 -29.98
C GLY B 93 4.72 -0.17 -30.74
N GLN B 94 4.83 0.41 -31.93
CA GLN B 94 6.02 0.22 -32.73
C GLN B 94 7.29 0.64 -31.98
N ASN B 95 7.23 1.80 -31.32
CA ASN B 95 8.39 2.29 -30.58
C ASN B 95 8.72 1.38 -29.40
N ALA B 96 7.69 0.82 -28.77
CA ALA B 96 7.91 -0.07 -27.65
C ALA B 96 8.55 -1.35 -28.14
N GLN B 97 8.25 -1.72 -29.38
CA GLN B 97 8.80 -2.94 -29.94
C GLN B 97 10.22 -2.80 -30.45
N PHE B 98 10.50 -1.66 -31.09
CA PHE B 98 11.83 -1.40 -31.66
C PHE B 98 12.89 -1.01 -30.64
N HIS B 99 12.45 -0.56 -29.46
CA HIS B 99 13.38 -0.13 -28.42
C HIS B 99 13.39 -1.02 -27.18
N TYR B 100 14.57 -1.16 -26.59
CA TYR B 100 14.74 -1.95 -25.39
C TYR B 100 14.21 -1.15 -24.22
N LEU B 101 14.56 0.13 -24.19
CA LEU B 101 14.15 1.03 -23.11
C LEU B 101 12.93 1.89 -23.42
N TYR B 102 12.06 2.03 -22.41
CA TYR B 102 10.85 2.82 -22.53
C TYR B 102 10.50 3.42 -21.17
N ARG B 103 9.84 4.58 -21.20
CA ARG B 103 9.39 5.25 -19.99
C ARG B 103 8.31 6.23 -20.41
N SER B 104 7.29 6.39 -19.58
CA SER B 104 6.24 7.34 -19.86
C SER B 104 5.26 7.44 -18.71
N GLY B 105 4.33 8.38 -18.83
CA GLY B 105 3.30 8.57 -17.84
C GLY B 105 2.02 8.20 -18.58
N PHE B 106 0.88 8.33 -17.92
CA PHE B 106 -0.39 7.98 -18.53
C PHE B 106 -1.53 8.81 -18.01
N CYS B 107 -2.48 9.07 -18.90
CA CYS B 107 -3.69 9.77 -18.52
C CYS B 107 -4.75 8.72 -18.79
N ILE B 108 -5.41 8.26 -17.74
CA ILE B 108 -6.44 7.24 -17.91
C ILE B 108 -7.82 7.87 -17.76
N HIS B 109 -8.70 7.57 -18.71
CA HIS B 109 -10.07 8.09 -18.70
C HIS B 109 -11.04 6.93 -18.88
N VAL B 110 -11.70 6.54 -17.79
CA VAL B 110 -12.67 5.44 -17.83
C VAL B 110 -14.07 6.02 -17.97
N GLN B 111 -14.78 5.56 -18.98
CA GLN B 111 -16.11 6.06 -19.28
C GLN B 111 -17.26 5.08 -19.01
N CYS B 112 -18.32 5.57 -18.39
CA CYS B 112 -19.51 4.76 -18.12
C CYS B 112 -20.70 5.64 -17.78
N ASN B 113 -21.62 5.78 -18.72
CA ASN B 113 -22.79 6.59 -18.47
C ASN B 113 -24.02 5.70 -18.38
N ALA B 114 -25.07 6.20 -17.76
CA ALA B 114 -26.33 5.48 -17.59
C ALA B 114 -27.46 6.50 -17.53
N SER B 115 -28.48 6.24 -16.71
CA SER B 115 -29.59 7.18 -16.60
C SER B 115 -29.78 7.58 -15.15
N LYS B 116 -30.60 8.59 -14.92
CA LYS B 116 -30.84 9.05 -13.56
C LYS B 116 -31.66 8.02 -12.79
N PHE B 117 -32.00 6.90 -13.43
CA PHE B 117 -32.75 5.83 -12.80
C PHE B 117 -31.93 4.56 -12.58
N HIS B 118 -30.70 4.56 -13.08
CA HIS B 118 -29.79 3.43 -12.90
C HIS B 118 -28.96 3.72 -11.64
N GLN B 119 -28.32 2.71 -11.07
CA GLN B 119 -27.51 2.94 -9.89
C GLN B 119 -26.36 1.94 -9.87
N GLY B 120 -25.35 2.25 -9.05
CA GLY B 120 -24.18 1.39 -8.97
C GLY B 120 -22.92 2.23 -8.87
N ALA B 121 -21.87 1.66 -8.31
CA ALA B 121 -20.63 2.38 -8.17
C ALA B 121 -19.44 1.51 -8.49
N LEU B 122 -18.56 2.06 -9.32
CA LEU B 122 -17.34 1.41 -9.76
C LEU B 122 -16.13 2.06 -9.11
N LEU B 123 -15.20 1.27 -8.62
CA LEU B 123 -13.99 1.80 -8.03
C LEU B 123 -12.92 1.70 -9.12
N VAL B 124 -12.36 2.83 -9.52
CA VAL B 124 -11.31 2.82 -10.55
C VAL B 124 -10.00 3.18 -9.86
N ALA B 125 -9.06 2.24 -9.85
CA ALA B 125 -7.79 2.46 -9.19
C ALA B 125 -6.57 1.95 -9.93
N VAL B 126 -5.43 2.54 -9.59
CA VAL B 126 -4.14 2.22 -10.19
C VAL B 126 -3.23 1.61 -9.13
N LEU B 127 -2.78 0.38 -9.37
CA LEU B 127 -1.93 -0.30 -8.42
C LEU B 127 -0.57 -0.66 -9.02
N PRO B 128 0.49 0.04 -8.61
CA PRO B 128 1.83 -0.23 -9.14
C PRO B 128 2.32 -1.63 -8.78
N GLU B 129 3.09 -2.22 -9.69
CA GLU B 129 3.65 -3.55 -9.49
C GLU B 129 2.57 -4.52 -9.03
N TYR B 130 1.50 -4.62 -9.82
CA TYR B 130 0.36 -5.48 -9.52
C TYR B 130 0.64 -6.94 -9.88
N VAL B 131 1.32 -7.62 -8.97
CA VAL B 131 1.65 -9.03 -9.15
C VAL B 131 0.42 -9.88 -8.88
N ILE B 132 0.17 -10.82 -9.79
CA ILE B 132 -0.97 -11.71 -9.68
C ILE B 132 -0.59 -13.02 -8.98
N GLY B 133 -1.49 -13.53 -8.16
CA GLY B 133 -1.25 -14.79 -7.47
C GLY B 133 -2.28 -15.83 -7.90
N THR B 134 -2.00 -17.11 -7.64
CA THR B 134 -2.94 -18.15 -8.01
C THR B 134 -3.55 -18.70 -6.73
N VAL B 135 -4.59 -19.50 -6.86
CA VAL B 135 -5.23 -20.07 -5.69
C VAL B 135 -4.48 -21.29 -5.16
N ALA B 136 -3.28 -21.52 -5.69
CA ALA B 136 -2.44 -22.64 -5.23
C ALA B 136 -3.14 -24.00 -5.18
N GLY B 137 -3.86 -24.35 -6.25
CA GLY B 137 -4.54 -25.63 -6.27
C GLY B 137 -5.70 -25.78 -5.30
N GLY B 138 -6.17 -24.66 -4.75
CA GLY B 138 -7.30 -24.70 -3.82
C GLY B 138 -6.94 -25.02 -2.39
N THR B 139 -6.14 -26.07 -2.21
CA THR B 139 -5.70 -26.48 -0.88
C THR B 139 -4.49 -25.67 -0.42
N GLY B 140 -3.81 -25.05 -1.38
CA GLY B 140 -2.64 -24.24 -1.05
C GLY B 140 -1.39 -25.08 -0.89
N THR B 141 -1.47 -26.33 -1.30
CA THR B 141 -0.34 -27.23 -1.19
C THR B 141 0.39 -27.32 -2.52
N GLU B 142 -0.23 -26.75 -3.55
CA GLU B 142 0.36 -26.78 -4.89
C GLU B 142 0.86 -25.38 -5.26
N ASP B 143 2.15 -25.27 -5.57
CA ASP B 143 2.76 -23.99 -5.92
C ASP B 143 2.60 -23.66 -7.41
N THR B 144 1.37 -23.39 -7.83
CA THR B 144 1.10 -23.05 -9.22
C THR B 144 1.43 -21.58 -9.49
N HIS B 145 1.47 -21.21 -10.77
CA HIS B 145 1.79 -19.84 -11.15
C HIS B 145 0.88 -19.37 -12.25
N PRO B 146 0.54 -18.08 -12.29
CA PRO B 146 -0.35 -17.62 -13.35
C PRO B 146 0.35 -17.63 -14.71
N PRO B 147 -0.42 -17.92 -15.77
CA PRO B 147 0.07 -17.97 -17.15
C PRO B 147 0.20 -16.57 -17.77
N TYR B 148 1.04 -16.47 -18.81
CA TYR B 148 1.28 -15.20 -19.49
C TYR B 148 0.02 -14.42 -19.84
N LYS B 149 -1.02 -15.11 -20.30
CA LYS B 149 -2.24 -14.43 -20.68
C LYS B 149 -2.99 -13.83 -19.50
N GLN B 150 -2.54 -14.15 -18.29
CA GLN B 150 -3.21 -13.64 -17.10
C GLN B 150 -2.39 -12.53 -16.44
N THR B 151 -1.08 -12.58 -16.61
CA THR B 151 -0.20 -11.57 -16.05
C THR B 151 -0.16 -10.36 -16.99
N GLN B 152 -0.16 -10.65 -18.29
CA GLN B 152 -0.14 -9.63 -19.34
C GLN B 152 -1.27 -9.92 -20.35
N PRO B 153 -2.53 -9.66 -19.96
CA PRO B 153 -3.72 -9.89 -20.75
C PRO B 153 -3.91 -9.07 -22.02
N GLY B 154 -3.12 -8.02 -22.20
CA GLY B 154 -3.26 -7.20 -23.39
C GLY B 154 -4.44 -6.25 -23.31
N ALA B 155 -4.93 -5.80 -24.48
CA ALA B 155 -6.04 -4.86 -24.53
C ALA B 155 -7.39 -5.38 -24.03
N ASP B 156 -7.63 -6.68 -24.12
CA ASP B 156 -8.91 -7.24 -23.68
C ASP B 156 -9.01 -7.29 -22.16
N GLY B 157 -7.88 -7.09 -21.50
CA GLY B 157 -7.88 -7.15 -20.06
C GLY B 157 -8.17 -8.56 -19.57
N PHE B 158 -8.58 -8.66 -18.31
CA PHE B 158 -8.86 -9.95 -17.71
C PHE B 158 -9.84 -9.77 -16.54
N GLU B 159 -10.72 -10.74 -16.34
CA GLU B 159 -11.70 -10.67 -15.26
C GLU B 159 -11.17 -11.26 -13.96
N LEU B 160 -11.38 -10.54 -12.86
CA LEU B 160 -10.93 -10.98 -11.54
C LEU B 160 -11.73 -12.19 -11.11
N GLN B 161 -11.05 -13.18 -10.53
CA GLN B 161 -11.73 -14.38 -10.06
C GLN B 161 -12.21 -14.20 -8.63
N HIS B 162 -11.39 -13.57 -7.81
CA HIS B 162 -11.73 -13.32 -6.41
C HIS B 162 -11.41 -11.86 -6.09
N PRO B 163 -12.28 -10.94 -6.51
CA PRO B 163 -12.10 -9.52 -6.28
C PRO B 163 -11.83 -9.09 -4.83
N TYR B 164 -12.45 -9.76 -3.87
CA TYR B 164 -12.24 -9.40 -2.46
C TYR B 164 -10.77 -9.35 -2.06
N VAL B 165 -9.97 -10.24 -2.65
CA VAL B 165 -8.55 -10.29 -2.34
C VAL B 165 -7.68 -9.90 -3.54
N LEU B 166 -8.32 -9.23 -4.50
CA LEU B 166 -7.65 -8.78 -5.72
C LEU B 166 -6.80 -9.84 -6.46
N ASP B 167 -7.14 -11.11 -6.26
CA ASP B 167 -6.42 -12.21 -6.91
C ASP B 167 -4.94 -12.18 -6.53
N ALA B 168 -4.64 -11.65 -5.35
CA ALA B 168 -3.26 -11.54 -4.90
C ALA B 168 -3.12 -11.51 -3.37
N GLY B 169 -4.13 -12.04 -2.67
CA GLY B 169 -4.09 -12.08 -1.22
C GLY B 169 -4.06 -10.76 -0.48
N ILE B 170 -4.59 -9.71 -1.09
CA ILE B 170 -4.63 -8.38 -0.46
C ILE B 170 -6.06 -7.83 -0.53
N PRO B 171 -6.49 -7.16 0.54
CA PRO B 171 -7.83 -6.58 0.64
C PRO B 171 -8.17 -5.41 -0.28
N ILE B 172 -9.16 -5.63 -1.15
CA ILE B 172 -9.58 -4.59 -2.06
C ILE B 172 -10.14 -3.42 -1.26
N SER B 173 -10.53 -3.68 -0.02
CA SER B 173 -11.10 -2.62 0.82
C SER B 173 -10.08 -1.53 1.15
N GLN B 174 -8.81 -1.80 0.87
CA GLN B 174 -7.73 -0.84 1.13
C GLN B 174 -7.11 -0.33 -0.16
N LEU B 175 -7.73 -0.67 -1.28
CA LEU B 175 -7.23 -0.26 -2.58
C LEU B 175 -7.26 1.26 -2.73
N THR B 176 -8.12 1.92 -1.96
CA THR B 176 -8.21 3.37 -2.03
C THR B 176 -6.95 4.08 -1.54
N VAL B 177 -5.96 3.32 -1.11
CA VAL B 177 -4.71 3.93 -0.66
C VAL B 177 -3.89 4.21 -1.92
N CYS B 178 -4.44 3.80 -3.07
CA CYS B 178 -3.81 4.03 -4.36
C CYS B 178 -4.58 5.11 -5.12
N PRO B 179 -3.93 5.76 -6.09
CA PRO B 179 -4.63 6.80 -6.84
C PRO B 179 -5.91 6.21 -7.41
N HIS B 180 -7.06 6.79 -7.07
CA HIS B 180 -8.33 6.27 -7.55
C HIS B 180 -9.44 7.32 -7.63
N GLN B 181 -10.56 6.88 -8.17
CA GLN B 181 -11.77 7.68 -8.31
C GLN B 181 -12.89 6.67 -8.36
N TRP B 182 -14.12 7.14 -8.17
CA TRP B 182 -15.28 6.26 -8.22
C TRP B 182 -16.21 6.74 -9.31
N ILE B 183 -16.93 5.81 -9.93
CA ILE B 183 -17.92 6.23 -10.90
C ILE B 183 -19.21 5.80 -10.20
N ASN B 184 -19.89 6.77 -9.58
CA ASN B 184 -21.15 6.53 -8.89
C ASN B 184 -22.15 7.08 -9.90
N LEU B 185 -22.92 6.19 -10.52
CA LEU B 185 -23.84 6.61 -11.56
C LEU B 185 -24.70 7.84 -11.27
N ARG B 186 -25.11 8.03 -10.03
CA ARG B 186 -25.96 9.19 -9.70
C ARG B 186 -25.16 10.47 -9.64
N THR B 187 -23.83 10.36 -9.77
CA THR B 187 -22.95 11.51 -9.66
C THR B 187 -22.12 11.87 -10.90
N ASN B 188 -21.32 10.91 -11.36
CA ASN B 188 -20.44 11.14 -12.50
C ASN B 188 -20.47 9.97 -13.48
N ASN B 189 -20.02 10.22 -14.71
CA ASN B 189 -20.00 9.18 -15.71
C ASN B 189 -18.60 8.87 -16.20
N CYS B 190 -17.59 9.24 -15.43
CA CYS B 190 -16.21 8.97 -15.84
C CYS B 190 -15.23 9.15 -14.70
N ALA B 191 -14.02 8.65 -14.91
CA ALA B 191 -12.95 8.78 -13.93
C ALA B 191 -11.70 9.12 -14.71
N THR B 192 -10.96 10.10 -14.22
CA THR B 192 -9.73 10.50 -14.88
C THR B 192 -8.61 10.49 -13.87
N ILE B 193 -7.58 9.70 -14.16
CA ILE B 193 -6.42 9.58 -13.29
C ILE B 193 -5.16 9.80 -14.12
N ILE B 194 -4.28 10.66 -13.63
CA ILE B 194 -3.01 10.93 -14.30
C ILE B 194 -1.92 10.25 -13.48
N VAL B 195 -1.13 9.42 -14.15
CA VAL B 195 -0.08 8.65 -13.49
C VAL B 195 1.31 8.96 -13.99
N PRO B 196 2.24 9.23 -13.07
CA PRO B 196 3.62 9.52 -13.48
C PRO B 196 4.31 8.19 -13.64
N TYR B 197 5.53 8.20 -14.16
CA TYR B 197 6.27 6.94 -14.34
C TYR B 197 6.69 6.44 -12.97
N ILE B 198 6.32 5.21 -12.65
CA ILE B 198 6.65 4.64 -11.36
C ILE B 198 7.54 3.40 -11.49
N ASN B 199 8.78 3.52 -11.02
CA ASN B 199 9.73 2.41 -11.10
C ASN B 199 10.97 2.72 -10.26
N ALA B 200 11.79 1.70 -10.01
CA ALA B 200 13.02 1.86 -9.24
C ALA B 200 14.18 2.10 -10.20
N LEU B 201 13.87 2.16 -11.49
CA LEU B 201 14.85 2.39 -12.54
C LEU B 201 14.33 3.54 -13.38
N PRO B 202 15.21 4.30 -14.03
CA PRO B 202 14.81 5.43 -14.87
C PRO B 202 14.05 5.01 -16.14
N PHE B 203 14.47 3.90 -16.74
CA PHE B 203 13.84 3.35 -17.94
C PHE B 203 13.72 1.85 -17.69
N ASP B 204 12.92 1.16 -18.51
CA ASP B 204 12.77 -0.29 -18.37
C ASP B 204 12.11 -0.83 -19.63
N SER B 205 11.98 -2.15 -19.72
CA SER B 205 11.37 -2.78 -20.88
C SER B 205 9.85 -2.72 -20.85
N ALA B 206 9.26 -2.26 -21.94
CA ALA B 206 7.81 -2.15 -22.02
C ALA B 206 7.18 -3.53 -22.14
N LEU B 207 8.00 -4.51 -22.51
CA LEU B 207 7.50 -5.85 -22.71
C LEU B 207 7.62 -6.78 -21.52
N ASN B 208 8.73 -6.72 -20.81
CA ASN B 208 8.91 -7.62 -19.67
C ASN B 208 8.37 -7.09 -18.37
N HIS B 209 8.19 -5.78 -18.28
CA HIS B 209 7.73 -5.18 -17.06
C HIS B 209 6.48 -4.32 -17.18
N CYS B 210 5.49 -4.61 -16.35
CA CYS B 210 4.25 -3.84 -16.30
C CYS B 210 4.35 -2.97 -15.05
N ASN B 211 4.47 -1.67 -15.25
CA ASN B 211 4.62 -0.74 -14.13
C ASN B 211 3.46 -0.69 -13.14
N PHE B 212 2.23 -0.76 -13.64
CA PHE B 212 1.09 -0.73 -12.75
C PHE B 212 -0.09 -1.37 -13.43
N GLY B 213 -1.13 -1.63 -12.65
CA GLY B 213 -2.33 -2.22 -13.19
C GLY B 213 -3.49 -1.29 -12.96
N LEU B 214 -4.45 -1.32 -13.87
CA LEU B 214 -5.65 -0.49 -13.75
C LEU B 214 -6.78 -1.42 -13.34
N LEU B 215 -7.42 -1.14 -12.21
CA LEU B 215 -8.51 -1.97 -11.75
C LEU B 215 -9.82 -1.21 -11.83
N VAL B 216 -10.86 -1.88 -12.33
CA VAL B 216 -12.20 -1.30 -12.43
C VAL B 216 -13.11 -2.35 -11.81
N VAL B 217 -13.51 -2.11 -10.57
CA VAL B 217 -14.33 -3.06 -9.85
C VAL B 217 -15.62 -2.51 -9.29
N PRO B 218 -16.74 -3.19 -9.57
CA PRO B 218 -18.00 -2.68 -9.03
C PRO B 218 -18.09 -3.04 -7.55
N ILE B 219 -18.27 -2.04 -6.70
CA ILE B 219 -18.37 -2.24 -5.25
C ILE B 219 -19.84 -2.22 -4.85
N SER B 220 -20.62 -1.41 -5.55
CA SER B 220 -22.05 -1.31 -5.33
C SER B 220 -22.61 -1.78 -6.68
N PRO B 221 -23.28 -2.94 -6.69
CA PRO B 221 -23.86 -3.53 -7.90
C PRO B 221 -24.79 -2.69 -8.76
N LEU B 222 -24.67 -2.90 -10.07
CA LEU B 222 -25.48 -2.22 -11.06
C LEU B 222 -26.92 -2.68 -10.89
N ASP B 223 -27.86 -1.74 -10.92
CA ASP B 223 -29.25 -2.10 -10.76
C ASP B 223 -30.14 -1.11 -11.49
N TYR B 224 -31.32 -1.58 -11.88
CA TYR B 224 -32.29 -0.78 -12.60
C TYR B 224 -33.55 -1.62 -12.77
N ASP B 225 -34.66 -0.99 -13.14
CA ASP B 225 -35.92 -1.71 -13.34
C ASP B 225 -36.12 -2.20 -14.76
N GLN B 226 -36.86 -3.29 -14.91
CA GLN B 226 -37.16 -3.86 -16.22
C GLN B 226 -37.71 -2.78 -17.14
N GLY B 227 -37.09 -2.62 -18.30
CA GLY B 227 -37.54 -1.60 -19.24
C GLY B 227 -36.48 -0.56 -19.56
N ALA B 228 -35.56 -0.36 -18.63
CA ALA B 228 -34.50 0.62 -18.82
C ALA B 228 -33.36 -0.06 -19.58
N THR B 229 -32.64 0.72 -20.39
CA THR B 229 -31.53 0.17 -21.15
C THR B 229 -30.69 -0.72 -20.24
N PRO B 230 -30.59 -2.01 -20.59
CA PRO B 230 -29.82 -3.00 -19.81
C PRO B 230 -28.35 -3.11 -20.18
N VAL B 231 -27.99 -2.63 -21.36
CA VAL B 231 -26.61 -2.67 -21.82
C VAL B 231 -25.89 -1.42 -21.36
N ILE B 232 -25.05 -1.57 -20.34
CA ILE B 232 -24.29 -0.46 -19.77
C ILE B 232 -22.79 -0.69 -19.93
N PRO B 233 -22.20 -0.17 -21.02
CA PRO B 233 -20.77 -0.32 -21.30
C PRO B 233 -19.82 0.47 -20.40
N ILE B 234 -18.60 -0.01 -20.31
CA ILE B 234 -17.55 0.64 -19.55
C ILE B 234 -16.41 0.70 -20.56
N THR B 235 -16.06 1.89 -21.02
CA THR B 235 -15.00 2.03 -21.99
C THR B 235 -13.71 2.61 -21.42
N ILE B 236 -12.60 2.02 -21.86
CA ILE B 236 -11.27 2.38 -21.40
C ILE B 236 -10.44 3.15 -22.45
N THR B 237 -10.19 4.43 -22.17
CA THR B 237 -9.39 5.28 -23.06
C THR B 237 -8.19 5.76 -22.26
N LEU B 238 -7.02 5.73 -22.89
CA LEU B 238 -5.79 6.12 -22.22
C LEU B 238 -4.79 6.76 -23.15
N ALA B 239 -3.96 7.64 -22.59
CA ALA B 239 -2.94 8.33 -23.37
C ALA B 239 -1.59 8.41 -22.67
N PRO B 240 -0.53 8.03 -23.38
CA PRO B 240 0.81 8.08 -22.82
C PRO B 240 1.22 9.55 -22.68
N MET B 241 2.05 9.86 -21.70
CA MET B 241 2.51 11.22 -21.53
C MET B 241 4.02 11.22 -21.38
N CYS B 242 4.71 12.10 -22.12
CA CYS B 242 6.17 12.19 -22.03
C CYS B 242 6.89 10.90 -22.40
N SER B 243 6.40 10.22 -23.43
CA SER B 243 7.04 8.97 -23.84
C SER B 243 8.46 9.19 -24.33
N GLU B 244 9.37 8.33 -23.84
CA GLU B 244 10.78 8.36 -24.20
C GLU B 244 11.21 6.93 -24.55
N PHE B 245 12.08 6.78 -25.54
CA PHE B 245 12.56 5.46 -25.94
C PHE B 245 14.07 5.47 -26.21
N ALA B 246 14.72 4.36 -25.93
CA ALA B 246 16.17 4.24 -26.16
C ALA B 246 16.55 2.77 -26.37
N GLY B 247 17.79 2.53 -26.79
CA GLY B 247 18.25 1.18 -27.03
C GLY B 247 17.58 0.60 -28.25
N LEU B 248 17.79 1.24 -29.39
CA LEU B 248 17.20 0.82 -30.66
C LEU B 248 17.82 -0.39 -31.33
N ARG B 249 16.95 -1.21 -31.93
CA ARG B 249 17.33 -2.40 -32.70
C ARG B 249 16.10 -2.92 -33.46
N GLN B 250 16.07 -4.19 -33.82
CA GLN B 250 14.91 -4.72 -34.57
C GLN B 250 13.70 -4.83 -33.67
N ALA B 251 12.51 -4.89 -34.28
CA ALA B 251 11.29 -5.01 -33.50
C ALA B 251 11.16 -6.40 -32.87
N VAL B 252 10.62 -6.42 -31.66
CA VAL B 252 10.43 -7.63 -30.89
C VAL B 252 9.06 -7.53 -30.21
N THR B 253 8.29 -8.61 -30.24
CA THR B 253 6.97 -8.59 -29.61
C THR B 253 6.99 -9.10 -28.16
N GLN B 254 8.04 -9.82 -27.79
CA GLN B 254 8.16 -10.31 -26.41
C GLN B 254 9.51 -10.94 -26.12
N GLY C 1 46.47 -1.57 29.88
CA GLY C 1 45.36 -0.91 29.15
C GLY C 1 44.55 0.05 30.01
N PHE C 2 43.55 0.69 29.40
CA PHE C 2 42.70 1.63 30.11
C PHE C 2 41.73 0.90 31.03
N PRO C 3 41.72 1.26 32.32
CA PRO C 3 40.84 0.64 33.32
C PRO C 3 39.35 0.72 33.05
N THR C 4 38.73 -0.44 32.82
CA THR C 4 37.29 -0.50 32.57
C THR C 4 36.65 -1.53 33.49
N GLU C 5 35.31 -1.56 33.50
CA GLU C 5 34.57 -2.48 34.36
C GLU C 5 33.23 -2.82 33.71
N LEU C 6 33.06 -4.07 33.32
CA LEU C 6 31.81 -4.49 32.67
C LEU C 6 30.60 -4.40 33.60
N LYS C 7 29.51 -3.86 33.07
CA LYS C 7 28.27 -3.67 33.82
C LYS C 7 27.18 -4.60 33.29
N PRO C 8 26.11 -4.81 34.08
CA PRO C 8 25.01 -5.68 33.64
C PRO C 8 24.48 -5.23 32.28
N GLY C 9 24.13 -6.20 31.45
CA GLY C 9 23.63 -5.90 30.12
C GLY C 9 24.66 -6.43 29.14
N THR C 10 25.90 -6.52 29.63
CA THR C 10 27.02 -7.02 28.84
C THR C 10 26.67 -8.31 28.12
N ASN C 11 26.98 -8.37 26.82
CA ASN C 11 26.75 -9.53 25.97
C ASN C 11 25.32 -9.77 25.49
N GLN C 12 24.36 -9.04 26.05
CA GLN C 12 22.97 -9.26 25.65
C GLN C 12 22.66 -8.69 24.28
N PHE C 13 21.70 -9.31 23.62
CA PHE C 13 21.23 -8.87 22.32
C PHE C 13 19.79 -8.36 22.44
N LEU C 14 19.64 -7.03 22.48
CA LEU C 14 18.33 -6.41 22.57
C LEU C 14 17.92 -6.03 21.15
N THR C 15 16.83 -6.63 20.68
CA THR C 15 16.36 -6.41 19.31
C THR C 15 16.06 -4.97 18.90
N THR C 16 15.77 -4.10 19.87
CA THR C 16 15.46 -2.71 19.58
C THR C 16 16.62 -1.78 19.97
N ASP C 17 17.79 -2.37 20.20
CA ASP C 17 18.94 -1.58 20.56
C ASP C 17 19.47 -0.92 19.28
N ASP C 18 19.69 0.39 19.33
CA ASP C 18 20.17 1.15 18.17
C ASP C 18 21.66 1.38 18.29
N GLY C 19 22.44 0.36 17.91
CA GLY C 19 23.88 0.48 18.00
C GLY C 19 24.65 0.49 16.69
N VAL C 20 25.98 0.47 16.83
CA VAL C 20 26.88 0.49 15.70
C VAL C 20 27.46 -0.91 15.52
N SER C 21 27.56 -1.35 14.27
CA SER C 21 28.12 -2.67 13.97
C SER C 21 29.11 -2.56 12.80
N ALA C 22 30.21 -3.30 12.88
CA ALA C 22 31.23 -3.28 11.83
C ALA C 22 30.64 -3.49 10.43
N PRO C 23 31.08 -2.68 9.45
CA PRO C 23 30.60 -2.79 8.07
C PRO C 23 31.32 -3.92 7.34
N ILE C 24 30.57 -4.75 6.62
CA ILE C 24 31.15 -5.88 5.91
C ILE C 24 31.83 -5.54 4.59
N LEU C 25 31.41 -4.45 3.96
CA LEU C 25 31.99 -4.07 2.68
C LEU C 25 32.63 -2.69 2.74
N PRO C 26 33.90 -2.62 3.13
CA PRO C 26 34.58 -1.33 3.22
C PRO C 26 34.61 -0.57 1.90
N ASN C 27 34.44 0.75 1.96
CA ASN C 27 34.48 1.61 0.79
C ASN C 27 33.42 1.31 -0.27
N PHE C 28 32.36 0.63 0.13
CA PHE C 28 31.27 0.31 -0.78
C PHE C 28 30.38 1.54 -0.97
N HIS C 29 29.91 1.78 -2.19
CA HIS C 29 29.02 2.91 -2.45
C HIS C 29 27.77 2.39 -3.15
N PRO C 30 26.60 2.64 -2.54
CA PRO C 30 25.32 2.19 -3.07
C PRO C 30 24.94 2.83 -4.39
N THR C 31 24.03 2.18 -5.10
CA THR C 31 23.54 2.71 -6.36
C THR C 31 22.85 4.03 -6.02
N PRO C 32 23.12 5.10 -6.78
CA PRO C 32 22.46 6.36 -6.47
C PRO C 32 20.94 6.22 -6.43
N CYS C 33 20.28 7.05 -5.64
CA CYS C 33 18.83 6.98 -5.54
C CYS C 33 18.13 7.94 -6.49
N ILE C 34 17.47 7.42 -7.52
CA ILE C 34 16.77 8.29 -8.46
C ILE C 34 15.44 8.73 -7.84
N HIS C 35 14.70 9.59 -8.54
CA HIS C 35 13.42 10.03 -8.01
C HIS C 35 12.36 8.96 -8.24
N ILE C 36 11.56 8.69 -7.21
CA ILE C 36 10.49 7.71 -7.27
C ILE C 36 9.28 8.38 -6.63
N PRO C 37 8.14 8.40 -7.34
CA PRO C 37 6.95 9.03 -6.77
C PRO C 37 6.44 8.33 -5.52
N GLY C 38 5.56 9.02 -4.80
CA GLY C 38 4.94 8.45 -3.61
C GLY C 38 5.77 8.03 -2.43
N GLU C 39 6.75 8.83 -2.03
CA GLU C 39 7.55 8.45 -0.86
C GLU C 39 6.76 8.73 0.41
N VAL C 40 6.77 7.81 1.36
CA VAL C 40 6.05 8.05 2.61
C VAL C 40 7.08 8.32 3.71
N ARG C 41 6.75 9.19 4.65
CA ARG C 41 7.68 9.53 5.70
C ARG C 41 7.25 9.07 7.08
N ASN C 42 5.93 9.03 7.29
CA ASN C 42 5.37 8.65 8.58
C ASN C 42 4.06 7.87 8.40
N LEU C 43 3.90 6.80 9.16
CA LEU C 43 2.69 5.97 9.05
C LEU C 43 1.42 6.79 9.26
N LEU C 44 1.54 7.93 9.93
CA LEU C 44 0.38 8.78 10.17
C LEU C 44 -0.14 9.34 8.83
N GLU C 45 0.73 9.38 7.83
CA GLU C 45 0.33 9.88 6.53
C GLU C 45 -0.71 8.94 5.95
N LEU C 46 -0.58 7.65 6.23
CA LEU C 46 -1.50 6.66 5.71
C LEU C 46 -2.81 6.56 6.49
N CYS C 47 -2.75 6.88 7.78
CA CYS C 47 -3.94 6.82 8.62
C CYS C 47 -4.97 7.87 8.24
N GLN C 48 -4.57 8.83 7.44
CA GLN C 48 -5.49 9.89 7.03
C GLN C 48 -6.15 9.60 5.68
N VAL C 49 -5.77 8.48 5.07
CA VAL C 49 -6.34 8.08 3.79
C VAL C 49 -7.50 7.14 4.10
N GLU C 50 -8.69 7.47 3.58
CA GLU C 50 -9.86 6.65 3.84
C GLU C 50 -9.87 5.32 3.09
N THR C 51 -10.30 4.28 3.79
CA THR C 51 -10.42 2.97 3.19
C THR C 51 -11.80 2.46 3.55
N ILE C 52 -12.26 1.42 2.85
CA ILE C 52 -13.59 0.90 3.07
C ILE C 52 -13.77 0.15 4.38
N LEU C 53 -14.77 0.60 5.14
CA LEU C 53 -15.12 0.05 6.44
C LEU C 53 -16.22 -0.99 6.22
N GLU C 54 -15.96 -2.23 6.62
CA GLU C 54 -16.94 -3.30 6.46
C GLU C 54 -17.96 -3.31 7.58
N VAL C 55 -18.92 -2.39 7.48
CA VAL C 55 -20.00 -2.27 8.43
C VAL C 55 -20.81 -3.55 8.35
N ASN C 56 -21.00 -4.02 7.12
CA ASN C 56 -21.75 -5.24 6.90
C ASN C 56 -20.81 -6.43 6.91
N ASN C 57 -20.22 -6.68 8.07
CA ASN C 57 -19.30 -7.81 8.24
C ASN C 57 -20.05 -9.05 8.73
N VAL C 58 -20.99 -9.55 7.93
CA VAL C 58 -21.73 -10.74 8.35
C VAL C 58 -21.58 -11.93 7.40
N PRO C 59 -21.65 -11.71 6.07
CA PRO C 59 -21.50 -12.84 5.12
C PRO C 59 -20.08 -13.41 5.19
N THR C 60 -19.94 -14.72 5.18
CA THR C 60 -18.60 -15.32 5.26
C THR C 60 -18.19 -16.28 4.15
N ASN C 61 -19.14 -16.71 3.32
CA ASN C 61 -18.82 -17.61 2.21
C ASN C 61 -18.12 -16.85 1.09
N ALA C 62 -17.04 -17.42 0.56
CA ALA C 62 -16.24 -16.81 -0.50
C ALA C 62 -16.98 -15.98 -1.53
N THR C 63 -18.03 -16.55 -2.10
CA THR C 63 -18.81 -15.87 -3.13
C THR C 63 -19.58 -14.62 -2.67
N SER C 64 -19.66 -14.39 -1.36
CA SER C 64 -20.40 -13.23 -0.86
C SER C 64 -19.57 -12.22 -0.06
N LEU C 65 -18.25 -12.38 -0.08
CA LEU C 65 -17.37 -11.49 0.66
C LEU C 65 -17.50 -10.02 0.24
N MET C 66 -17.67 -9.78 -1.05
CA MET C 66 -17.80 -8.43 -1.57
C MET C 66 -18.99 -7.67 -1.00
N GLU C 67 -19.99 -8.41 -0.50
CA GLU C 67 -21.16 -7.77 0.06
C GLU C 67 -20.85 -7.09 1.37
N ARG C 68 -19.69 -7.38 1.95
CA ARG C 68 -19.29 -6.79 3.22
C ARG C 68 -18.89 -5.33 3.04
N LEU C 69 -18.51 -4.99 1.80
CA LEU C 69 -18.07 -3.64 1.48
C LEU C 69 -19.20 -2.60 1.40
N ARG C 70 -20.44 -3.04 1.48
CA ARG C 70 -21.54 -2.09 1.42
C ARG C 70 -22.77 -2.59 2.18
N PHE C 71 -23.54 -1.67 2.76
CA PHE C 71 -24.78 -2.04 3.46
C PHE C 71 -25.96 -1.34 2.80
N PRO C 72 -27.14 -1.94 2.88
CA PRO C 72 -28.34 -1.36 2.25
C PRO C 72 -29.27 -0.46 3.02
N VAL C 73 -30.06 0.30 2.26
CA VAL C 73 -31.09 1.19 2.76
C VAL C 73 -32.24 1.00 1.79
N SER C 74 -33.47 1.17 2.26
CA SER C 74 -34.63 1.02 1.40
C SER C 74 -35.86 1.65 2.04
N ALA C 75 -36.92 1.83 1.24
CA ALA C 75 -38.15 2.43 1.74
C ALA C 75 -38.67 1.71 2.97
N GLN C 76 -38.96 2.48 4.02
CA GLN C 76 -39.45 1.95 5.27
C GLN C 76 -40.88 2.37 5.55
N ALA C 77 -41.27 2.35 6.81
CA ALA C 77 -42.62 2.73 7.22
C ALA C 77 -42.66 4.00 8.07
N GLY C 78 -41.57 4.78 8.04
CA GLY C 78 -41.53 6.02 8.79
C GLY C 78 -41.60 5.96 10.30
N LYS C 79 -41.09 4.89 10.88
CA LYS C 79 -41.10 4.76 12.33
C LYS C 79 -39.69 5.02 12.85
N GLY C 80 -38.92 5.83 12.14
CA GLY C 80 -37.56 6.11 12.55
C GLY C 80 -36.81 4.82 12.86
N GLU C 81 -36.92 3.86 11.95
CA GLU C 81 -36.27 2.56 12.12
C GLU C 81 -34.75 2.61 12.10
N LEU C 82 -34.13 1.57 12.63
CA LEU C 82 -32.67 1.45 12.69
C LEU C 82 -32.10 0.87 11.42
N CYS C 83 -31.00 1.44 10.94
CA CYS C 83 -30.36 0.95 9.71
C CYS C 83 -29.15 0.06 10.01
N ALA C 84 -28.27 0.51 10.87
CA ALA C 84 -27.09 -0.27 11.22
C ALA C 84 -26.41 0.29 12.45
N VAL C 85 -25.51 -0.51 13.04
CA VAL C 85 -24.75 -0.09 14.22
C VAL C 85 -23.38 -0.77 14.21
N PHE C 86 -22.42 -0.15 14.89
CA PHE C 86 -21.09 -0.71 15.03
C PHE C 86 -20.28 0.06 16.06
N ARG C 87 -19.31 -0.61 16.67
CA ARG C 87 -18.47 0.06 17.66
C ARG C 87 -17.50 0.98 16.94
N ALA C 88 -17.16 2.10 17.56
CA ALA C 88 -16.23 3.04 16.94
C ALA C 88 -14.78 2.63 17.21
N ASP C 89 -14.58 1.77 18.19
CA ASP C 89 -13.27 1.27 18.57
C ASP C 89 -12.48 0.84 17.33
N PRO C 90 -11.47 1.63 16.93
CA PRO C 90 -10.63 1.33 15.75
C PRO C 90 -9.68 0.13 15.82
N GLY C 91 -9.13 -0.14 16.99
CA GLY C 91 -8.22 -1.27 17.10
C GLY C 91 -8.88 -2.50 17.70
N ARG C 92 -10.17 -2.63 17.46
CA ARG C 92 -10.93 -3.75 18.01
C ARG C 92 -11.48 -4.64 16.90
N ASN C 93 -11.68 -5.91 17.22
CA ASN C 93 -12.22 -6.83 16.23
C ASN C 93 -13.59 -6.34 15.79
N GLY C 94 -13.78 -6.32 14.48
CA GLY C 94 -15.04 -5.86 13.92
C GLY C 94 -14.83 -5.17 12.60
N PRO C 95 -15.74 -4.28 12.22
CA PRO C 95 -15.70 -3.54 10.96
C PRO C 95 -14.37 -2.84 10.66
N TRP C 96 -13.82 -2.15 11.65
CA TRP C 96 -12.59 -1.41 11.42
C TRP C 96 -11.43 -2.25 10.92
N GLN C 97 -11.50 -3.57 11.09
CA GLN C 97 -10.41 -4.42 10.65
C GLN C 97 -10.20 -4.40 9.16
N SER C 98 -11.23 -4.01 8.39
CA SER C 98 -11.11 -3.96 6.94
C SER C 98 -10.34 -2.75 6.47
N THR C 99 -10.21 -1.76 7.34
CA THR C 99 -9.51 -0.51 6.99
C THR C 99 -8.01 -0.51 7.28
N LEU C 100 -7.27 0.24 6.46
CA LEU C 100 -5.83 0.35 6.61
C LEU C 100 -5.50 0.98 7.98
N LEU C 101 -6.37 1.86 8.46
CA LEU C 101 -6.18 2.50 9.76
C LEU C 101 -6.20 1.44 10.86
N GLY C 102 -7.21 0.58 10.81
CA GLY C 102 -7.33 -0.48 11.79
C GLY C 102 -6.13 -1.41 11.76
N GLN C 103 -5.65 -1.72 10.55
CA GLN C 103 -4.50 -2.61 10.43
C GLN C 103 -3.21 -2.01 10.98
N LEU C 104 -2.93 -0.75 10.63
CA LEU C 104 -1.71 -0.09 11.10
C LEU C 104 -1.82 0.13 12.61
N CYS C 105 -3.05 0.36 13.04
CA CYS C 105 -3.35 0.57 14.44
C CYS C 105 -2.89 -0.66 15.24
N GLY C 106 -2.93 -1.82 14.60
CA GLY C 106 -2.53 -3.06 15.25
C GLY C 106 -1.06 -3.17 15.63
N TYR C 107 -0.22 -2.29 15.09
CA TYR C 107 1.21 -2.31 15.40
C TYR C 107 1.60 -1.33 16.51
N TYR C 108 0.59 -0.78 17.18
CA TYR C 108 0.79 0.16 18.27
C TYR C 108 -0.15 -0.16 19.42
N THR C 109 0.35 -0.04 20.64
CA THR C 109 -0.41 -0.36 21.84
C THR C 109 -1.44 0.69 22.24
N GLN C 110 -1.13 1.94 21.98
CA GLN C 110 -2.02 3.03 22.34
C GLN C 110 -2.23 3.99 21.18
N TRP C 111 -3.38 4.66 21.19
CA TRP C 111 -3.69 5.63 20.15
C TRP C 111 -4.44 6.77 20.77
N SER C 112 -4.53 7.86 20.04
CA SER C 112 -5.22 9.04 20.50
C SER C 112 -5.56 9.90 19.29
N GLY C 113 -6.81 10.35 19.22
CA GLY C 113 -7.22 11.18 18.12
C GLY C 113 -8.69 11.04 17.74
N SER C 114 -9.14 11.96 16.89
CA SER C 114 -10.51 11.94 16.43
C SER C 114 -10.54 11.08 15.18
N LEU C 115 -11.70 10.51 14.90
CA LEU C 115 -11.85 9.67 13.74
C LEU C 115 -12.93 10.27 12.84
N GLU C 116 -13.00 9.79 11.61
CA GLU C 116 -14.03 10.27 10.70
C GLU C 116 -14.46 9.14 9.78
N VAL C 117 -15.77 9.03 9.57
CA VAL C 117 -16.32 8.03 8.67
C VAL C 117 -17.17 8.78 7.66
N THR C 118 -16.87 8.58 6.39
CA THR C 118 -17.61 9.24 5.31
C THR C 118 -18.48 8.21 4.61
N PHE C 119 -19.77 8.49 4.54
CA PHE C 119 -20.73 7.58 3.91
C PHE C 119 -21.12 8.07 2.52
N MET C 120 -20.96 7.20 1.52
CA MET C 120 -21.30 7.55 0.16
C MET C 120 -22.54 6.77 -0.28
N PHE C 121 -23.56 7.50 -0.74
CA PHE C 121 -24.81 6.90 -1.18
C PHE C 121 -24.73 6.56 -2.66
N THR C 122 -24.89 5.29 -3.00
CA THR C 122 -24.79 4.87 -4.38
C THR C 122 -26.13 4.52 -5.01
N GLY C 123 -27.20 5.07 -4.46
CA GLY C 123 -28.52 4.83 -5.02
C GLY C 123 -28.63 5.63 -6.31
N SER C 124 -29.79 5.59 -6.96
CA SER C 124 -29.97 6.32 -8.19
C SER C 124 -30.20 7.80 -7.93
N PHE C 125 -29.94 8.63 -8.94
CA PHE C 125 -30.12 10.07 -8.84
C PHE C 125 -31.53 10.46 -8.38
N MET C 126 -32.54 9.65 -8.72
CA MET C 126 -33.92 9.95 -8.33
C MET C 126 -34.27 9.60 -6.89
N ALA C 127 -33.38 8.92 -6.19
CA ALA C 127 -33.64 8.57 -4.79
C ALA C 127 -33.25 9.70 -3.84
N THR C 128 -34.12 9.96 -2.86
CA THR C 128 -33.86 10.99 -1.86
C THR C 128 -33.98 10.35 -0.50
N GLY C 129 -33.55 11.07 0.52
CA GLY C 129 -33.64 10.54 1.87
C GLY C 129 -32.89 11.37 2.88
N LYS C 130 -33.19 11.15 4.16
CA LYS C 130 -32.54 11.85 5.25
C LYS C 130 -32.26 10.83 6.34
N MET C 131 -30.98 10.67 6.70
CA MET C 131 -30.58 9.73 7.74
C MET C 131 -30.00 10.49 8.93
N LEU C 132 -30.07 9.86 10.10
CA LEU C 132 -29.53 10.42 11.33
C LEU C 132 -28.39 9.47 11.71
N ILE C 133 -27.16 9.97 11.74
CA ILE C 133 -26.02 9.14 12.11
C ILE C 133 -25.57 9.65 13.47
N ALA C 134 -25.53 8.75 14.46
CA ALA C 134 -25.16 9.18 15.80
C ALA C 134 -23.96 8.47 16.39
N TYR C 135 -23.25 9.21 17.24
CA TYR C 135 -22.08 8.71 17.95
C TYR C 135 -22.34 8.82 19.44
N THR C 136 -22.39 7.67 20.11
CA THR C 136 -22.65 7.62 21.55
C THR C 136 -21.36 7.36 22.31
N PRO C 137 -20.87 8.37 23.05
CA PRO C 137 -19.64 8.27 23.84
C PRO C 137 -19.79 7.17 24.88
N PRO C 138 -18.68 6.74 25.50
CA PRO C 138 -18.69 5.67 26.51
C PRO C 138 -19.80 5.78 27.56
N GLY C 139 -20.25 4.63 28.04
CA GLY C 139 -21.29 4.63 29.07
C GLY C 139 -22.70 4.56 28.55
N GLY C 140 -22.90 4.96 27.31
CA GLY C 140 -24.23 4.92 26.75
C GLY C 140 -24.46 3.60 26.04
N PRO C 141 -25.45 2.82 26.48
CA PRO C 141 -25.75 1.53 25.85
C PRO C 141 -26.31 1.76 24.45
N LEU C 142 -26.31 0.70 23.64
CA LEU C 142 -26.84 0.79 22.29
C LEU C 142 -28.22 1.45 22.34
N PRO C 143 -28.41 2.58 21.64
CA PRO C 143 -29.71 3.26 21.65
C PRO C 143 -30.88 2.37 21.22
N LYS C 144 -31.91 2.31 22.05
CA LYS C 144 -33.09 1.50 21.75
C LYS C 144 -33.92 2.12 20.63
N ASP C 145 -33.93 3.45 20.56
CA ASP C 145 -34.67 4.16 19.54
C ASP C 145 -33.89 5.36 19.04
N ARG C 146 -34.42 6.01 18.00
CA ARG C 146 -33.79 7.18 17.41
C ARG C 146 -33.76 8.33 18.40
N ALA C 147 -34.84 8.47 19.16
CA ALA C 147 -34.94 9.54 20.16
C ALA C 147 -33.82 9.48 21.18
N THR C 148 -33.31 8.28 21.45
CA THR C 148 -32.23 8.13 22.41
C THR C 148 -30.88 8.41 21.79
N ALA C 149 -30.71 7.98 20.54
CA ALA C 149 -29.45 8.19 19.82
C ALA C 149 -29.21 9.68 19.62
N MET C 150 -30.28 10.37 19.23
CA MET C 150 -30.27 11.80 18.97
C MET C 150 -29.70 12.66 20.11
N LEU C 151 -29.60 12.10 21.31
CA LEU C 151 -29.06 12.83 22.46
C LEU C 151 -27.54 12.94 22.45
N GLY C 152 -26.90 12.17 21.58
CA GLY C 152 -25.45 12.23 21.50
C GLY C 152 -24.95 13.03 20.30
N THR C 153 -23.68 12.86 19.98
CA THR C 153 -23.10 13.57 18.84
C THR C 153 -23.68 12.96 17.58
N HIS C 154 -24.27 13.79 16.74
CA HIS C 154 -24.85 13.26 15.51
C HIS C 154 -24.86 14.22 14.34
N VAL C 155 -25.11 13.66 13.17
CA VAL C 155 -25.19 14.40 11.92
C VAL C 155 -26.46 13.98 11.21
N ILE C 156 -27.17 14.94 10.62
CA ILE C 156 -28.37 14.60 9.89
C ILE C 156 -27.99 14.77 8.43
N TRP C 157 -27.98 13.65 7.72
CA TRP C 157 -27.59 13.56 6.32
C TRP C 157 -28.73 13.64 5.32
N ASP C 158 -28.58 14.55 4.34
CA ASP C 158 -29.57 14.75 3.30
C ASP C 158 -29.00 14.36 1.95
N PHE C 159 -29.59 13.32 1.34
CA PHE C 159 -29.15 12.85 0.02
C PHE C 159 -29.34 13.97 -1.00
N GLY C 160 -28.39 14.11 -1.91
CA GLY C 160 -28.47 15.14 -2.92
C GLY C 160 -27.30 15.05 -3.88
N LEU C 161 -26.94 16.16 -4.53
CA LEU C 161 -25.81 16.17 -5.46
C LEU C 161 -24.53 15.67 -4.78
N GLN C 162 -24.33 16.09 -3.54
CA GLN C 162 -23.17 15.65 -2.78
C GLN C 162 -23.54 14.26 -2.29
N SER C 163 -22.90 13.28 -2.90
CA SER C 163 -23.18 11.89 -2.57
C SER C 163 -22.81 11.49 -1.17
N SER C 164 -21.85 12.19 -0.58
CA SER C 164 -21.39 11.80 0.75
C SER C 164 -21.56 12.78 1.90
N VAL C 165 -21.43 12.25 3.12
CA VAL C 165 -21.53 13.03 4.33
C VAL C 165 -20.47 12.47 5.28
N THR C 166 -19.92 13.32 6.13
CA THR C 166 -18.91 12.86 7.05
C THR C 166 -19.36 12.94 8.49
N LEU C 167 -19.19 11.84 9.21
CA LEU C 167 -19.52 11.80 10.62
C LEU C 167 -18.17 11.90 11.31
N VAL C 168 -18.03 12.84 12.22
CA VAL C 168 -16.77 12.93 12.91
C VAL C 168 -16.95 12.31 14.27
N ILE C 169 -16.04 11.41 14.62
CA ILE C 169 -16.09 10.76 15.92
C ILE C 169 -15.02 11.50 16.71
N PRO C 170 -15.40 12.63 17.30
CA PRO C 170 -14.47 13.44 18.08
C PRO C 170 -13.87 12.68 19.24
N TRP C 171 -12.61 12.97 19.52
CA TRP C 171 -11.90 12.32 20.60
C TRP C 171 -12.49 12.77 21.92
N ILE C 172 -13.28 11.90 22.54
CA ILE C 172 -13.88 12.19 23.84
C ILE C 172 -13.47 11.06 24.74
N SER C 173 -12.37 11.27 25.46
CA SER C 173 -11.83 10.26 26.34
C SER C 173 -11.46 10.83 27.71
N ASN C 174 -11.32 9.97 28.69
CA ASN C 174 -10.94 10.42 30.01
C ASN C 174 -9.41 10.45 30.02
N THR C 175 -8.79 9.43 29.44
CA THR C 175 -7.32 9.35 29.36
C THR C 175 -6.81 9.98 28.07
N HIS C 176 -5.57 10.43 28.09
CA HIS C 176 -4.96 11.06 26.91
C HIS C 176 -4.79 10.07 25.78
N TYR C 177 -4.62 8.80 26.13
CA TYR C 177 -4.45 7.75 25.13
C TYR C 177 -5.33 6.59 25.53
N ARG C 178 -5.74 5.81 24.54
CA ARG C 178 -6.54 4.62 24.78
C ARG C 178 -5.71 3.43 24.29
N ALA C 179 -5.81 2.29 24.97
CA ALA C 179 -5.10 1.10 24.53
C ALA C 179 -6.17 0.43 23.67
N HIS C 180 -5.84 -0.67 22.99
CA HIS C 180 -6.87 -1.33 22.20
C HIS C 180 -7.91 -1.92 23.12
N ALA C 181 -9.17 -1.61 22.87
CA ALA C 181 -10.27 -2.12 23.69
C ALA C 181 -10.74 -3.50 23.24
N ARG C 182 -11.15 -4.29 24.22
CA ARG C 182 -11.68 -5.63 23.98
C ARG C 182 -12.57 -5.98 25.18
N ASP C 183 -13.34 -7.06 25.05
CA ASP C 183 -14.23 -7.47 26.13
C ASP C 183 -13.46 -7.69 27.43
N GLY C 184 -14.04 -7.24 28.54
CA GLY C 184 -13.38 -7.39 29.83
C GLY C 184 -13.00 -6.03 30.39
N VAL C 185 -11.99 -6.00 31.26
CA VAL C 185 -11.57 -4.75 31.86
C VAL C 185 -11.08 -3.74 30.84
N PHE C 186 -10.55 -4.22 29.71
CA PHE C 186 -10.07 -3.30 28.70
C PHE C 186 -11.17 -2.59 27.92
N ASP C 187 -12.41 -2.80 28.34
CA ASP C 187 -13.54 -2.13 27.70
C ASP C 187 -13.51 -0.70 28.26
N TYR C 188 -12.62 -0.49 29.23
CA TYR C 188 -12.41 0.80 29.87
C TYR C 188 -12.04 1.81 28.79
N TYR C 189 -11.34 1.31 27.77
CA TYR C 189 -10.86 2.10 26.67
C TYR C 189 -11.78 2.13 25.46
N THR C 190 -13.02 1.70 25.60
CA THR C 190 -13.91 1.70 24.43
C THR C 190 -14.21 3.14 24.00
N THR C 191 -14.32 3.33 22.68
CA THR C 191 -14.60 4.63 22.11
C THR C 191 -16.08 4.98 22.11
N GLY C 192 -16.93 3.96 21.93
CA GLY C 192 -18.35 4.20 21.90
C GLY C 192 -19.05 3.48 20.74
N LEU C 193 -20.28 3.90 20.45
CA LEU C 193 -21.07 3.29 19.40
C LEU C 193 -21.49 4.25 18.31
N VAL C 194 -21.73 3.72 17.13
CA VAL C 194 -22.20 4.51 15.99
C VAL C 194 -23.49 3.85 15.51
N SER C 195 -24.57 4.61 15.45
CA SER C 195 -25.84 4.06 14.98
C SER C 195 -26.41 4.93 13.86
N ILE C 196 -27.03 4.27 12.89
CA ILE C 196 -27.60 4.95 11.73
C ILE C 196 -29.11 4.70 11.68
N TRP C 197 -29.88 5.78 11.68
CA TRP C 197 -31.34 5.72 11.67
C TRP C 197 -31.95 6.50 10.52
N TYR C 198 -33.18 6.16 10.16
CA TYR C 198 -33.88 6.88 9.10
C TYR C 198 -34.48 8.12 9.74
N GLN C 199 -34.10 9.29 9.23
CA GLN C 199 -34.65 10.54 9.77
C GLN C 199 -36.05 10.73 9.19
N THR C 200 -36.18 10.52 7.88
CA THR C 200 -37.48 10.61 7.23
C THR C 200 -37.69 9.23 6.66
N ASN C 201 -37.36 9.08 5.38
CA ASN C 201 -37.51 7.81 4.69
C ASN C 201 -36.79 7.83 3.34
N TYR C 202 -36.48 6.66 2.81
CA TYR C 202 -35.84 6.55 1.49
C TYR C 202 -37.02 6.63 0.52
N VAL C 203 -37.02 7.64 -0.34
CA VAL C 203 -38.12 7.83 -1.28
C VAL C 203 -37.65 7.77 -2.72
N VAL C 204 -38.45 7.14 -3.55
CA VAL C 204 -38.09 7.00 -4.94
C VAL C 204 -39.36 7.01 -5.79
N PRO C 205 -39.27 7.43 -7.07
CA PRO C 205 -40.48 7.44 -7.88
C PRO C 205 -40.65 6.13 -8.61
N ILE C 206 -41.69 6.03 -9.42
CA ILE C 206 -41.93 4.82 -10.18
C ILE C 206 -40.73 4.65 -11.12
N GLY C 207 -40.26 3.43 -11.31
CA GLY C 207 -39.14 3.22 -12.21
C GLY C 207 -37.74 3.11 -11.66
N ALA C 208 -37.55 3.40 -10.38
CA ALA C 208 -36.22 3.31 -9.78
C ALA C 208 -36.17 2.27 -8.66
N PRO C 209 -35.05 1.56 -8.53
CA PRO C 209 -34.86 0.51 -7.52
C PRO C 209 -35.30 0.94 -6.11
N ASN C 210 -35.92 0.01 -5.38
CA ASN C 210 -36.41 0.28 -4.03
C ASN C 210 -35.37 -0.02 -2.97
N THR C 211 -34.20 -0.43 -3.43
CA THR C 211 -33.09 -0.75 -2.54
C THR C 211 -31.80 -0.25 -3.14
N ALA C 212 -30.99 0.40 -2.31
CA ALA C 212 -29.72 0.94 -2.75
C ALA C 212 -28.69 0.69 -1.65
N TYR C 213 -27.43 0.90 -1.98
CA TYR C 213 -26.38 0.67 -1.02
C TYR C 213 -25.56 1.88 -0.63
N ILE C 214 -25.00 1.82 0.57
CA ILE C 214 -24.16 2.87 1.11
C ILE C 214 -22.77 2.27 1.36
N ILE C 215 -21.73 2.99 0.95
CA ILE C 215 -20.36 2.53 1.15
C ILE C 215 -19.73 3.43 2.21
N ALA C 216 -19.09 2.82 3.20
CA ALA C 216 -18.49 3.60 4.27
C ALA C 216 -16.96 3.64 4.18
N LEU C 217 -16.42 4.84 4.24
CA LEU C 217 -14.98 5.06 4.17
C LEU C 217 -14.50 5.69 5.47
N ALA C 218 -13.48 5.10 6.09
CA ALA C 218 -12.98 5.62 7.36
C ALA C 218 -11.48 5.92 7.38
N ALA C 219 -11.11 6.89 8.21
CA ALA C 219 -9.73 7.31 8.38
C ALA C 219 -9.61 8.15 9.65
N ALA C 220 -8.40 8.63 9.94
CA ALA C 220 -8.15 9.43 11.12
C ALA C 220 -8.00 10.92 10.83
N GLN C 221 -8.28 11.73 11.85
CA GLN C 221 -8.15 13.18 11.78
C GLN C 221 -6.69 13.55 12.01
N LYS C 222 -6.34 14.81 11.78
CA LYS C 222 -4.97 15.27 11.95
C LYS C 222 -4.44 15.34 13.39
N ASN C 223 -5.29 15.08 14.38
CA ASN C 223 -4.85 15.13 15.78
C ASN C 223 -4.57 13.71 16.27
N PHE C 224 -4.66 12.77 15.35
CA PHE C 224 -4.43 11.35 15.63
C PHE C 224 -2.95 10.94 15.65
N THR C 225 -2.55 10.25 16.72
CA THR C 225 -1.18 9.75 16.85
C THR C 225 -1.25 8.38 17.52
N MET C 226 -0.14 7.65 17.49
CA MET C 226 -0.07 6.32 18.09
C MET C 226 1.25 6.15 18.83
N LYS C 227 1.25 5.40 19.92
CA LYS C 227 2.50 5.19 20.64
C LYS C 227 2.66 3.76 21.14
N LEU C 228 3.91 3.43 21.45
CA LEU C 228 4.31 2.11 21.95
C LEU C 228 4.12 1.00 20.93
N CYS C 229 5.11 0.86 20.05
CA CYS C 229 5.14 -0.16 19.00
C CYS C 229 4.98 -1.56 19.55
N LYS C 230 4.17 -2.38 18.87
CA LYS C 230 3.97 -3.76 19.28
C LYS C 230 3.68 -4.57 18.04
N ASP C 231 3.75 -5.90 18.16
CA ASP C 231 3.45 -6.75 17.01
C ASP C 231 1.95 -6.85 16.85
N ALA C 232 1.50 -7.00 15.62
CA ALA C 232 0.08 -7.11 15.32
C ALA C 232 -0.44 -8.42 15.90
N SER C 233 -1.73 -8.45 16.16
CA SER C 233 -2.38 -9.62 16.74
C SER C 233 -2.39 -10.85 15.83
N ASP C 234 -2.17 -10.63 14.53
CA ASP C 234 -2.15 -11.72 13.56
C ASP C 234 -0.77 -12.08 13.03
N ILE C 235 -0.63 -13.35 12.66
CA ILE C 235 0.59 -13.85 12.07
C ILE C 235 0.09 -14.68 10.90
N LEU C 236 0.13 -14.10 9.71
CA LEU C 236 -0.40 -14.77 8.52
C LEU C 236 0.44 -15.92 7.95
N GLN C 237 0.53 -17.00 8.72
CA GLN C 237 1.27 -18.17 8.30
C GLN C 237 0.91 -19.35 9.21
N THR C 238 0.60 -20.49 8.61
CA THR C 238 0.22 -21.71 9.33
C THR C 238 1.45 -22.53 9.67
N GLY C 239 2.14 -23.00 8.64
CA GLY C 239 3.35 -23.77 8.84
C GLY C 239 4.53 -22.99 8.31
N THR C 240 5.61 -23.66 7.92
CA THR C 240 6.74 -22.93 7.39
C THR C 240 6.37 -22.47 5.98
N ILE C 241 6.82 -21.28 5.62
CA ILE C 241 6.57 -20.74 4.30
C ILE C 241 7.69 -21.28 3.40
N GLN C 242 7.33 -22.07 2.39
CA GLN C 242 8.35 -22.65 1.51
C GLN C 242 8.56 -21.93 0.20
N SER D 12 33.68 13.81 11.73
CA SER D 12 34.32 12.59 11.17
C SER D 12 34.40 12.65 9.65
N HIS D 13 35.55 12.28 9.10
CA HIS D 13 35.76 12.27 7.65
C HIS D 13 35.67 10.83 7.15
N GLU D 14 34.44 10.40 6.88
CA GLU D 14 34.16 9.05 6.41
C GLU D 14 33.59 9.03 4.98
N ASN D 15 33.15 7.86 4.54
CA ASN D 15 32.57 7.69 3.20
C ASN D 15 31.05 7.97 3.28
N SER D 16 30.49 8.46 2.18
CA SER D 16 29.05 8.75 2.13
C SER D 16 28.30 7.60 1.45
N ASN D 17 28.33 6.44 2.10
CA ASN D 17 27.70 5.23 1.58
C ASN D 17 26.47 4.74 2.37
N SER D 18 25.67 5.68 2.84
CA SER D 18 24.46 5.35 3.60
C SER D 18 23.28 5.30 2.61
N ALA D 19 22.25 4.55 2.96
CA ALA D 19 21.08 4.43 2.09
C ALA D 19 20.29 5.74 1.99
N THR D 20 20.47 6.60 3.00
CA THR D 20 19.77 7.88 3.08
C THR D 20 20.62 9.12 2.80
N GLU D 21 21.77 8.92 2.16
CA GLU D 21 22.64 10.04 1.84
C GLU D 21 21.94 10.86 0.75
N GLY D 22 21.58 12.10 1.06
CA GLY D 22 20.90 12.95 0.09
C GLY D 22 19.38 12.84 0.20
N SER D 23 18.90 12.71 1.44
CA SER D 23 17.48 12.58 1.72
C SER D 23 16.86 13.93 2.10
N THR D 24 15.55 14.06 1.92
CA THR D 24 14.83 15.29 2.24
C THR D 24 14.63 15.44 3.75
N ILE D 25 15.24 14.52 4.50
CA ILE D 25 15.16 14.52 5.96
C ILE D 25 16.54 14.20 6.53
N ASN D 26 17.08 15.12 7.32
CA ASN D 26 18.40 14.93 7.93
C ASN D 26 18.34 14.11 9.22
N TYR D 27 19.38 13.30 9.43
CA TYR D 27 19.46 12.42 10.60
C TYR D 27 20.60 12.82 11.56
N THR D 28 20.48 12.38 12.81
CA THR D 28 21.49 12.62 13.85
C THR D 28 21.98 11.26 14.34
N THR D 29 23.11 10.82 13.79
CA THR D 29 23.65 9.49 14.10
C THR D 29 25.03 9.39 14.75
N ILE D 30 25.39 8.17 15.15
CA ILE D 30 26.66 7.87 15.78
C ILE D 30 27.34 6.78 14.94
N ASN D 31 28.68 6.83 14.85
CA ASN D 31 29.43 5.84 14.07
C ASN D 31 30.87 5.83 14.53
N TYR D 32 31.55 4.70 14.37
CA TYR D 32 32.96 4.56 14.77
C TYR D 32 33.78 4.03 13.60
N TYR D 33 33.13 3.84 12.46
CA TYR D 33 33.80 3.30 11.28
C TYR D 33 33.81 4.26 10.12
N LYS D 34 34.66 3.99 9.13
CA LYS D 34 34.78 4.87 7.97
C LYS D 34 33.62 4.76 6.97
N ASP D 35 32.72 3.81 7.17
CA ASP D 35 31.58 3.64 6.27
C ASP D 35 30.31 4.06 6.98
N SER D 36 29.69 5.14 6.50
CA SER D 36 28.48 5.69 7.12
C SER D 36 27.32 4.73 7.36
N TYR D 37 27.15 3.71 6.53
CA TYR D 37 26.05 2.80 6.75
C TYR D 37 26.18 1.99 8.04
N ALA D 38 27.38 2.01 8.62
CA ALA D 38 27.63 1.30 9.88
C ALA D 38 27.00 2.07 11.04
N ALA D 39 26.63 3.31 10.77
CA ALA D 39 26.05 4.17 11.79
C ALA D 39 24.69 3.72 12.32
N THR D 40 24.30 4.33 13.44
CA THR D 40 23.03 4.05 14.09
C THR D 40 21.87 4.58 13.26
N ALA D 41 20.66 4.28 13.71
CA ALA D 41 19.47 4.73 13.00
C ALA D 41 19.25 6.21 13.30
N GLY D 42 19.50 6.57 14.55
CA GLY D 42 19.35 7.95 14.99
C GLY D 42 17.93 8.44 15.10
N LYS D 43 17.74 9.73 14.80
CA LYS D 43 16.44 10.37 14.82
C LYS D 43 16.14 10.88 13.42
N GLN D 44 14.90 10.69 12.96
CA GLN D 44 14.50 11.14 11.63
C GLN D 44 13.77 12.47 11.72
N SER D 45 13.62 13.16 10.60
CA SER D 45 12.93 14.43 10.57
C SER D 45 11.43 14.19 10.59
N LEU D 46 10.73 14.93 11.44
CA LEU D 46 9.29 14.77 11.58
C LEU D 46 8.41 15.56 10.60
N LYS D 47 8.68 15.41 9.31
CA LYS D 47 7.91 16.06 8.25
C LYS D 47 6.88 15.07 7.71
N GLN D 48 5.71 15.57 7.32
CA GLN D 48 4.65 14.73 6.76
C GLN D 48 3.97 15.40 5.59
N ASP D 49 3.45 14.61 4.67
CA ASP D 49 2.76 15.14 3.51
C ASP D 49 1.59 14.24 3.15
N PRO D 50 0.54 14.25 3.98
CA PRO D 50 -0.67 13.45 3.81
C PRO D 50 -1.38 13.65 2.48
N ASP D 51 -1.39 14.89 1.99
CA ASP D 51 -2.08 15.19 0.74
C ASP D 51 -1.65 14.36 -0.46
N LYS D 52 -0.39 13.98 -0.49
CA LYS D 52 0.15 13.17 -1.57
C LYS D 52 -0.70 11.91 -1.77
N PHE D 53 -1.31 11.45 -0.68
CA PHE D 53 -2.15 10.25 -0.70
C PHE D 53 -3.62 10.55 -0.41
N ALA D 54 -3.87 11.42 0.55
CA ALA D 54 -5.22 11.75 0.95
C ALA D 54 -5.95 12.77 0.10
N ASN D 55 -5.21 13.62 -0.61
CA ASN D 55 -5.87 14.63 -1.43
C ASN D 55 -5.05 14.98 -2.66
N PRO D 56 -4.83 14.01 -3.56
CA PRO D 56 -4.05 14.26 -4.77
C PRO D 56 -4.91 14.76 -5.95
N VAL D 57 -5.71 15.79 -5.70
CA VAL D 57 -6.55 16.34 -6.76
C VAL D 57 -5.86 17.48 -7.46
N LYS D 58 -6.20 17.67 -8.74
CA LYS D 58 -5.62 18.75 -9.54
C LYS D 58 -6.11 20.10 -9.05
N ASP D 59 -7.44 20.28 -9.04
CA ASP D 59 -8.06 21.53 -8.60
C ASP D 59 -8.63 21.33 -7.20
N ILE D 60 -7.87 21.76 -6.19
CA ILE D 60 -8.29 21.61 -4.80
C ILE D 60 -9.59 22.37 -4.45
N PHE D 61 -10.46 21.70 -3.70
CA PHE D 61 -11.74 22.28 -3.28
C PHE D 61 -11.74 22.56 -1.78
N THR D 62 -12.26 23.71 -1.38
CA THR D 62 -12.32 24.11 0.03
C THR D 62 -13.23 23.21 0.86
N GLU D 63 -13.21 23.42 2.18
CA GLU D 63 -14.01 22.65 3.13
C GLU D 63 -15.46 23.15 3.16
N MET D 64 -15.61 24.46 3.21
CA MET D 64 -16.91 25.12 3.27
C MET D 64 -17.77 24.87 2.02
N ALA D 65 -17.19 25.08 0.85
CA ALA D 65 -17.91 24.90 -0.41
C ALA D 65 -18.30 23.45 -0.66
N ALA D 66 -19.09 23.24 -1.70
CA ALA D 66 -19.54 21.90 -2.07
C ALA D 66 -18.56 21.37 -3.12
N PRO D 67 -17.88 20.25 -2.82
CA PRO D 67 -16.91 19.61 -3.72
C PRO D 67 -17.29 19.53 -5.21
N LEU D 68 -18.57 19.35 -5.48
CA LEU D 68 -19.06 19.26 -6.86
C LEU D 68 -20.00 20.41 -7.20
N LYS D 69 -19.47 21.43 -7.86
CA LYS D 69 -20.29 22.58 -8.24
C LYS D 69 -19.92 23.03 -9.66
CAA 7J5 E . 30.41 -12.66 7.36
CAB 7J5 E . 18.47 -7.06 3.27
CAF 7J5 E . 26.07 -11.03 6.37
CAG 7J5 E . 10.82 -9.52 -3.51
CAH 7J5 E . 11.93 -8.93 -2.82
CAI 7J5 E . 23.76 -10.63 5.88
CAJ 7J5 E . 25.44 -10.29 4.07
CAK 7J5 E . 22.72 -10.25 4.98
CAL 7J5 E . 24.40 -9.91 3.17
CAM 7J5 E . 12.65 -11.15 -2.00
CAN 7J5 E . 29.39 -12.24 6.32
CAO 7J5 E . 21.01 -8.65 3.06
CAP 7J5 E . 20.14 -8.32 1.86
CAQ 7J5 E . 17.79 -8.08 1.11
CAR 7J5 E . 16.44 -8.75 1.34
CAS 7J5 E . 15.39 -7.37 -0.61
CAT 7J5 E . 14.36 -7.73 -1.64
CAY 7J5 E . 11.30 -13.13 -2.65
CAZ 7J5 E . 14.62 -9.51 -0.26
NAC 7J5 E . 12.20 -13.84 -1.93
NAU 7J5 E . 27.26 -11.45 5.95
NAV 7J5 E . 10.67 -10.93 -3.41
OAD 7J5 E . 10.31 -13.65 -3.25
OAE 7J5 E . 14.54 -10.63 0.28
OAW 7J5 E . 28.21 -11.83 6.97
OAX 7J5 E . 22.10 -9.51 2.69
CBA 7J5 E . 25.11 -10.66 5.43
CBB 7J5 E . 23.03 -9.89 3.62
CBC 7J5 E . 12.86 -9.73 -2.05
CBD 7J5 E . 11.54 -11.73 -2.69
CBE 7J5 E . 18.68 -8.27 2.31
NBF 7J5 E . 15.51 -8.59 0.20
NBG 7J5 E . 13.89 -9.11 -1.34
#